data_6RRR
#
_entry.id   6RRR
#
_cell.length_a   44.162
_cell.length_b   112.616
_cell.length_c   100.265
_cell.angle_alpha   90.000
_cell.angle_beta   92.710
_cell.angle_gamma   90.000
#
_symmetry.space_group_name_H-M   'P 1 21 1'
#
loop_
_entity.id
_entity.type
_entity.pdbx_description
1 polymer PvdP
2 non-polymer GLYCEROL
3 water water
#
_entity_poly.entity_id   1
_entity_poly.type   'polypeptide(L)'
_entity_poly.pdbx_seq_one_letter_code
;MTVSRRGFMAGLALTGAAALPVAYYTHRHLTREEEPQTPDEASLDLAATDGIRLGDRLRGLWDLRLVGGDAELPGLPREG
LQLVLDVAPKGRGLIGYLDTPERLLAAEPPRFRVLGDLLGASSASIRWRLVDQASGSVAPTHDCSAVFDEVWADYANAGD
GTLSGRIQRLERSPLSPNEDFRFVAVKRHFPLAHERIVLNEKLLGWLVSPQHRLFHQLWHASRDKWHRLSEKQRNALRGV
GWQPGPLDRERDARGPRKDRNASGIDFFFMHRHMLHTARSMQDLPSWERLPRPVVPLEYDRPGFIRYFDNPDGFSVPPAW
VAVDDDEYSEWLHGLKSAEAYHANFLVWESQYQDPAYLAKLTLGQFGSELELGMHDWLHMRWASVTRDPSNGAPVMTDRF
PADFAPRWFRPENDFLGDPFSSHVNPVFWSFHGWIDDRIEDWYRAHERFHPGEVQRREVEGIQWFAPGRWVEVGDPWLGP
ATHG(CME)GLSDVQASSNSVELDVETMKLALRIIFSEEDQLSGWLKRAPRRPWYARNLKLARDQLRR
;
_entity_poly.pdbx_strand_id   A,B
#
# COMPACT_ATOMS: atom_id res chain seq x y z
N PRO A 36 -15.50 29.15 16.43
CA PRO A 36 -15.13 27.85 15.81
C PRO A 36 -13.86 27.24 16.46
N GLN A 37 -13.93 25.99 16.90
CA GLN A 37 -12.80 25.30 17.62
C GLN A 37 -11.97 24.51 16.61
N THR A 38 -10.65 24.54 16.72
CA THR A 38 -9.74 23.68 15.93
C THR A 38 -9.80 22.26 16.47
N PRO A 39 -9.37 21.25 15.68
CA PRO A 39 -9.40 19.87 16.19
C PRO A 39 -8.55 19.66 17.45
N ASP A 40 -8.95 18.71 18.29
CA ASP A 40 -8.28 18.38 19.57
C ASP A 40 -7.17 17.35 19.33
N GLU A 41 -7.20 16.67 18.18
CA GLU A 41 -6.33 15.51 17.90
C GLU A 41 -6.39 15.19 16.40
N ALA A 42 -5.36 14.54 15.87
CA ALA A 42 -5.42 13.99 14.50
C ALA A 42 -6.08 12.61 14.53
N SER A 43 -6.58 12.22 13.38
CA SER A 43 -7.13 10.88 13.11
C SER A 43 -6.71 10.48 11.70
N LEU A 44 -6.64 9.19 11.48
CA LEU A 44 -6.25 8.63 10.18
C LEU A 44 -7.21 9.19 9.12
N ASP A 45 -6.68 9.92 8.15
CA ASP A 45 -7.47 10.71 7.18
C ASP A 45 -7.24 10.14 5.78
N LEU A 46 -7.63 8.89 5.52
CA LEU A 46 -7.53 8.26 4.19
C LEU A 46 -8.33 9.05 3.15
N ALA A 47 -7.84 9.09 1.92
CA ALA A 47 -8.56 9.76 0.83
C ALA A 47 -9.95 9.13 0.69
N ALA A 48 -10.99 9.92 0.58
CA ALA A 48 -12.36 9.45 0.25
C ALA A 48 -12.41 9.34 -1.28
N THR A 49 -13.56 9.01 -1.84
CA THR A 49 -13.69 8.65 -3.27
C THR A 49 -13.12 9.76 -4.16
N ASP A 50 -13.42 11.03 -3.87
CA ASP A 50 -13.01 12.17 -4.74
C ASP A 50 -11.48 12.31 -4.75
N GLY A 51 -10.81 12.18 -3.59
CA GLY A 51 -9.33 12.29 -3.51
C GLY A 51 -8.67 11.10 -4.16
N ILE A 52 -9.25 9.92 -4.02
CA ILE A 52 -8.75 8.68 -4.69
C ILE A 52 -8.76 8.89 -6.21
N ARG A 53 -9.85 9.39 -6.72
CA ARG A 53 -10.01 9.56 -8.18
C ARG A 53 -9.10 10.68 -8.64
N LEU A 54 -8.96 11.72 -7.83
CA LEU A 54 -8.02 12.79 -8.21
C LEU A 54 -6.59 12.24 -8.25
N GLY A 55 -6.19 11.44 -7.27
CA GLY A 55 -4.84 10.86 -7.24
C GLY A 55 -4.61 9.95 -8.44
N ASP A 56 -5.63 9.18 -8.82
CA ASP A 56 -5.59 8.36 -10.06
C ASP A 56 -5.44 9.28 -11.29
N ARG A 57 -6.07 10.47 -11.33
CA ARG A 57 -5.90 11.34 -12.52
C ARG A 57 -4.47 11.86 -12.54
N LEU A 58 -3.86 12.12 -11.39
CA LEU A 58 -2.50 12.72 -11.34
C LEU A 58 -1.43 11.65 -11.62
N ARG A 59 -1.60 10.44 -11.08
CA ARG A 59 -0.56 9.38 -11.06
C ARG A 59 -0.07 9.01 -12.47
N GLY A 60 1.24 9.11 -12.68
CA GLY A 60 1.90 8.60 -13.89
C GLY A 60 2.81 9.63 -14.50
N LEU A 61 3.04 9.53 -15.80
CA LEU A 61 4.07 10.34 -16.49
C LEU A 61 3.40 11.33 -17.44
N TRP A 62 3.85 12.57 -17.38
CA TRP A 62 3.32 13.72 -18.14
C TRP A 62 4.41 14.35 -18.99
N ASP A 63 4.07 14.74 -20.21
CA ASP A 63 4.95 15.59 -21.06
C ASP A 63 4.71 17.05 -20.70
N LEU A 64 5.75 17.80 -20.41
CA LEU A 64 5.56 19.15 -19.81
C LEU A 64 6.33 20.18 -20.64
N ARG A 65 5.72 21.36 -20.82
CA ARG A 65 6.45 22.53 -21.39
C ARG A 65 6.21 23.76 -20.52
N LEU A 66 7.23 24.58 -20.37
CA LEU A 66 7.12 25.88 -19.69
C LEU A 66 6.73 26.91 -20.74
N VAL A 67 5.98 27.93 -20.34
CA VAL A 67 5.47 28.97 -21.27
C VAL A 67 5.31 30.28 -20.50
N GLY A 68 5.35 31.38 -21.23
CA GLY A 68 5.35 32.74 -20.69
C GLY A 68 6.71 33.39 -20.82
N GLY A 69 6.73 34.71 -20.73
CA GLY A 69 7.96 35.49 -20.97
C GLY A 69 9.01 35.32 -19.90
N ASP A 70 8.68 34.84 -18.68
CA ASP A 70 9.68 34.64 -17.59
C ASP A 70 9.81 33.17 -17.17
N ALA A 71 9.38 32.23 -18.00
CA ALA A 71 9.37 30.79 -17.65
C ALA A 71 10.73 30.15 -17.97
N GLU A 72 11.50 29.87 -16.94
CA GLU A 72 12.79 29.15 -17.02
C GLU A 72 13.01 28.39 -15.70
N LEU A 73 13.38 27.11 -15.80
CA LEU A 73 13.98 26.36 -14.67
C LEU A 73 15.47 26.21 -14.94
N PRO A 74 16.34 26.53 -13.97
CA PRO A 74 17.78 26.50 -14.22
C PRO A 74 18.25 25.12 -14.66
N GLY A 75 19.07 25.07 -15.72
CA GLY A 75 19.70 23.84 -16.23
C GLY A 75 18.78 23.01 -17.10
N LEU A 76 17.55 23.47 -17.36
CA LEU A 76 16.58 22.64 -18.11
C LEU A 76 16.20 23.40 -19.36
N PRO A 77 15.80 22.70 -20.42
CA PRO A 77 15.11 23.36 -21.53
C PRO A 77 13.68 23.77 -21.13
N ARG A 78 13.04 24.45 -22.06
CA ARG A 78 11.71 25.05 -21.90
C ARG A 78 10.69 23.96 -22.23
N GLU A 79 10.99 23.17 -23.25
CA GLU A 79 10.03 22.17 -23.78
C GLU A 79 10.69 20.80 -23.69
N GLY A 80 9.90 19.74 -23.87
CA GLY A 80 10.41 18.38 -23.78
C GLY A 80 10.83 18.00 -22.36
N LEU A 81 10.22 18.62 -21.37
CA LEU A 81 10.35 18.16 -19.97
C LEU A 81 9.34 17.07 -19.69
N GLN A 82 9.48 16.42 -18.54
CA GLN A 82 8.46 15.47 -18.02
C GLN A 82 8.25 15.70 -16.54
N LEU A 83 7.03 15.42 -16.11
CA LEU A 83 6.56 15.44 -14.71
C LEU A 83 6.07 14.03 -14.39
N VAL A 84 6.71 13.41 -13.41
CA VAL A 84 6.17 12.11 -12.90
C VAL A 84 5.52 12.39 -11.56
N LEU A 85 4.25 11.99 -11.39
CA LEU A 85 3.51 12.17 -10.11
C LEU A 85 3.08 10.83 -9.53
N ASP A 86 3.12 10.70 -8.20
CA ASP A 86 2.55 9.52 -7.52
C ASP A 86 1.72 9.99 -6.33
N VAL A 87 0.59 9.34 -6.14
CA VAL A 87 -0.21 9.39 -4.89
C VAL A 87 -0.45 7.95 -4.46
N ALA A 88 -0.31 7.66 -3.17
CA ALA A 88 -0.59 6.31 -2.67
C ALA A 88 -2.07 6.01 -2.91
N PRO A 89 -2.49 4.74 -2.93
CA PRO A 89 -3.86 4.38 -3.29
C PRO A 89 -4.93 5.13 -2.48
N LYS A 90 -4.71 5.41 -1.20
CA LYS A 90 -5.60 6.28 -0.38
C LYS A 90 -4.81 7.43 0.24
N GLY A 91 -3.76 7.81 -0.46
CA GLY A 91 -2.83 8.83 0.02
C GLY A 91 -3.42 10.19 -0.26
N ARG A 92 -3.01 11.16 0.51
CA ARG A 92 -3.40 12.54 0.29
C ARG A 92 -2.15 13.35 -0.01
N GLY A 93 -0.97 12.77 0.17
CA GLY A 93 0.25 13.45 -0.23
C GLY A 93 0.51 13.27 -1.72
N LEU A 94 1.16 14.25 -2.33
CA LEU A 94 1.52 14.21 -3.76
C LEU A 94 3.04 14.29 -3.86
N ILE A 95 3.65 13.33 -4.52
CA ILE A 95 5.12 13.38 -4.71
C ILE A 95 5.42 13.29 -6.22
N GLY A 96 6.67 13.55 -6.57
CA GLY A 96 7.03 13.50 -7.98
C GLY A 96 8.35 14.14 -8.26
N TYR A 97 8.67 14.22 -9.54
CA TYR A 97 9.96 14.74 -10.05
C TYR A 97 9.68 15.38 -11.39
N LEU A 98 10.46 16.40 -11.67
CA LEU A 98 10.38 17.21 -12.90
C LEU A 98 11.81 17.33 -13.44
N ASP A 99 12.04 16.75 -14.60
CA ASP A 99 13.35 16.83 -15.28
C ASP A 99 13.14 16.47 -16.74
N THR A 100 14.23 16.32 -17.50
CA THR A 100 14.14 15.74 -18.86
C THR A 100 13.76 14.27 -18.75
N PRO A 101 13.15 13.70 -19.81
CA PRO A 101 12.78 12.29 -19.82
C PRO A 101 13.96 11.38 -19.44
N GLU A 102 15.14 11.67 -19.97
CA GLU A 102 16.31 10.80 -19.72
C GLU A 102 16.68 10.94 -18.24
N ARG A 103 16.60 12.14 -17.65
CA ARG A 103 17.02 12.32 -16.24
C ARG A 103 15.98 11.65 -15.33
N LEU A 104 14.72 11.56 -15.73
CA LEU A 104 13.72 10.89 -14.83
C LEU A 104 13.99 9.39 -14.77
N LEU A 105 14.61 8.81 -15.79
CA LEU A 105 14.97 7.38 -15.85
C LEU A 105 16.38 7.15 -15.31
N ALA A 106 17.12 8.18 -14.90
CA ALA A 106 18.55 8.03 -14.51
C ALA A 106 18.70 7.74 -13.01
N ALA A 107 19.87 7.21 -12.65
CA ALA A 107 20.17 6.74 -11.29
C ALA A 107 20.22 7.93 -10.34
N GLU A 108 20.80 9.05 -10.77
CA GLU A 108 21.05 10.23 -9.87
C GLU A 108 19.76 11.00 -9.59
N PRO A 109 19.69 11.72 -8.46
CA PRO A 109 18.51 12.51 -8.14
C PRO A 109 18.07 13.43 -9.29
N PRO A 110 16.78 13.45 -9.68
CA PRO A 110 16.30 14.43 -10.65
C PRO A 110 16.50 15.84 -10.10
N ARG A 111 16.52 16.80 -11.00
CA ARG A 111 16.84 18.20 -10.65
C ARG A 111 15.74 18.79 -9.74
N PHE A 112 14.46 18.52 -10.01
CA PHE A 112 13.34 19.02 -9.19
C PHE A 112 12.52 17.87 -8.64
N ARG A 113 12.21 17.99 -7.36
CA ARG A 113 11.30 17.08 -6.67
C ARG A 113 10.02 17.87 -6.41
N VAL A 114 8.90 17.16 -6.57
CA VAL A 114 7.53 17.63 -6.27
C VAL A 114 7.12 17.20 -4.86
N LEU A 115 6.63 18.14 -4.07
CA LEU A 115 5.98 17.84 -2.78
C LEU A 115 4.69 18.64 -2.70
N GLY A 116 3.57 17.95 -2.56
CA GLY A 116 2.30 18.67 -2.38
C GLY A 116 1.32 17.84 -1.58
N ASP A 117 0.09 18.32 -1.49
CA ASP A 117 -0.99 17.55 -0.83
C ASP A 117 -2.33 17.91 -1.45
N LEU A 118 -3.29 17.03 -1.34
CA LEU A 118 -4.58 17.13 -2.06
C LEU A 118 -5.67 17.57 -1.09
N LEU A 119 -5.33 18.06 0.11
CA LEU A 119 -6.36 18.65 1.00
C LEU A 119 -6.99 19.86 0.31
N GLY A 120 -8.32 19.87 0.15
CA GLY A 120 -9.01 20.96 -0.55
C GLY A 120 -8.73 20.96 -2.05
N ALA A 121 -8.06 19.95 -2.59
CA ALA A 121 -7.77 19.90 -4.04
C ALA A 121 -9.01 19.40 -4.79
N SER A 122 -9.15 19.82 -6.05
CA SER A 122 -10.11 19.30 -7.03
C SER A 122 -9.48 19.47 -8.42
N SER A 123 -10.20 19.08 -9.45
CA SER A 123 -9.82 19.39 -10.85
C SER A 123 -9.58 20.90 -11.02
N ALA A 124 -10.23 21.74 -10.23
CA ALA A 124 -10.15 23.21 -10.35
C ALA A 124 -8.83 23.74 -9.72
N SER A 125 -8.23 23.01 -8.80
CA SER A 125 -7.01 23.49 -8.10
C SER A 125 -6.22 22.32 -7.53
N ILE A 126 -5.05 22.10 -8.09
CA ILE A 126 -4.03 21.22 -7.50
C ILE A 126 -2.76 22.05 -7.36
N ARG A 127 -2.15 21.98 -6.19
CA ARG A 127 -0.96 22.79 -5.87
C ARG A 127 0.17 21.85 -5.45
N TRP A 128 1.39 22.23 -5.80
CA TRP A 128 2.56 21.55 -5.22
C TRP A 128 3.75 22.50 -5.18
N ARG A 129 4.75 22.14 -4.39
CA ARG A 129 6.02 22.87 -4.34
C ARG A 129 7.04 22.09 -5.16
N LEU A 130 8.02 22.80 -5.73
CA LEU A 130 9.26 22.20 -6.27
C LEU A 130 10.41 22.49 -5.32
N VAL A 131 11.25 21.47 -5.15
CA VAL A 131 12.47 21.48 -4.35
C VAL A 131 13.60 21.32 -5.36
N ASP A 132 14.61 22.19 -5.28
CA ASP A 132 15.79 22.12 -6.17
C ASP A 132 16.75 21.13 -5.52
N GLN A 133 16.84 19.92 -6.06
CA GLN A 133 17.66 18.86 -5.44
C GLN A 133 19.15 19.10 -5.71
N ALA A 134 19.54 20.04 -6.57
CA ALA A 134 20.97 20.35 -6.81
C ALA A 134 21.43 21.37 -5.76
N SER A 135 20.50 22.02 -5.05
CA SER A 135 20.82 23.20 -4.19
C SER A 135 21.41 22.79 -2.83
N GLY A 136 21.39 21.50 -2.45
CA GLY A 136 21.65 21.07 -1.06
C GLY A 136 20.70 21.68 -0.04
N SER A 137 19.44 21.88 -0.41
CA SER A 137 18.41 22.41 0.52
C SER A 137 17.04 21.82 0.13
N VAL A 138 16.20 21.48 1.11
CA VAL A 138 14.83 20.95 0.85
C VAL A 138 13.83 22.11 0.86
N ALA A 139 14.26 23.32 1.23
CA ALA A 139 13.40 24.52 1.13
C ALA A 139 12.89 24.61 -0.31
N PRO A 140 11.56 24.77 -0.50
CA PRO A 140 11.01 24.81 -1.84
C PRO A 140 11.50 26.08 -2.56
N THR A 141 11.72 25.94 -3.86
CA THR A 141 12.14 27.04 -4.75
C THR A 141 10.99 27.57 -5.59
N HIS A 142 9.96 26.76 -5.81
CA HIS A 142 8.78 27.15 -6.63
C HIS A 142 7.47 26.69 -5.98
N ASP A 143 6.46 27.51 -6.18
CA ASP A 143 5.03 27.25 -5.85
C ASP A 143 4.30 27.00 -7.17
N CYS A 144 3.69 25.83 -7.35
CA CYS A 144 2.92 25.48 -8.57
C CYS A 144 1.44 25.43 -8.23
N SER A 145 0.61 26.02 -9.07
CA SER A 145 -0.86 25.83 -8.96
C SER A 145 -1.38 25.45 -10.32
N ALA A 146 -2.08 24.33 -10.39
CA ALA A 146 -2.54 23.75 -11.65
C ALA A 146 -4.04 23.57 -11.63
N VAL A 147 -4.55 23.36 -12.82
CA VAL A 147 -5.94 23.01 -13.13
C VAL A 147 -5.87 21.73 -13.96
N PHE A 148 -6.70 20.74 -13.63
CA PHE A 148 -6.77 19.44 -14.34
C PHE A 148 -7.97 19.48 -15.27
N ASP A 149 -7.75 19.20 -16.55
CA ASP A 149 -8.82 19.08 -17.59
C ASP A 149 -8.75 17.66 -18.16
N GLU A 150 -9.88 16.94 -18.09
CA GLU A 150 -10.16 15.69 -18.85
C GLU A 150 -9.93 15.99 -20.34
N VAL A 151 -9.75 14.94 -21.14
CA VAL A 151 -9.69 15.03 -22.63
C VAL A 151 -10.87 14.25 -23.20
N TRP A 152 -11.54 14.83 -24.21
CA TRP A 152 -12.81 14.32 -24.79
C TRP A 152 -12.81 14.43 -26.32
N ALA A 153 -11.62 14.53 -26.94
CA ALA A 153 -11.44 14.64 -28.40
C ALA A 153 -9.94 14.65 -28.76
N ASN A 157 -3.39 12.71 -30.18
CA ASN A 157 -3.78 14.11 -29.87
C ASN A 157 -4.11 14.23 -28.38
N ALA A 158 -3.47 15.18 -27.68
CA ALA A 158 -3.91 15.80 -26.40
C ALA A 158 -3.89 14.82 -25.22
N GLY A 159 -3.46 13.56 -25.42
CA GLY A 159 -3.19 12.57 -24.35
C GLY A 159 -4.41 12.20 -23.49
N ASP A 160 -4.20 12.10 -22.17
CA ASP A 160 -5.12 11.44 -21.21
C ASP A 160 -5.49 12.38 -20.05
N GLY A 161 -5.43 13.69 -20.30
CA GLY A 161 -5.71 14.70 -19.27
C GLY A 161 -4.63 15.73 -19.33
N THR A 162 -4.99 16.95 -18.98
CA THR A 162 -4.06 18.09 -19.02
C THR A 162 -3.92 18.70 -17.62
N LEU A 163 -2.71 19.08 -17.28
CA LEU A 163 -2.41 19.88 -16.07
C LEU A 163 -1.79 21.18 -16.52
N SER A 164 -2.30 22.30 -16.08
CA SER A 164 -1.69 23.56 -16.51
C SER A 164 -1.91 24.61 -15.47
N GLY A 165 -0.94 25.49 -15.37
CA GLY A 165 -1.11 26.64 -14.49
C GLY A 165 0.17 27.45 -14.36
N ARG A 166 0.26 28.12 -13.24
CA ARG A 166 1.25 29.19 -12.97
C ARG A 166 2.25 28.69 -11.95
N ILE A 167 3.52 29.00 -12.20
CA ILE A 167 4.65 28.79 -11.27
C ILE A 167 5.12 30.15 -10.72
N GLN A 168 5.36 30.24 -9.41
CA GLN A 168 6.01 31.42 -8.78
C GLN A 168 7.36 30.99 -8.20
N ARG A 169 8.42 31.75 -8.50
CA ARG A 169 9.78 31.56 -7.93
C ARG A 169 9.75 32.08 -6.49
N LEU A 170 10.09 31.28 -5.51
CA LEU A 170 9.92 31.73 -4.10
C LEU A 170 11.06 32.68 -3.67
N GLU A 171 12.23 32.67 -4.30
CA GLU A 171 13.33 33.67 -4.08
C GLU A 171 12.81 35.11 -4.31
N ARG A 172 12.09 35.34 -5.40
CA ARG A 172 11.69 36.68 -5.88
C ARG A 172 10.70 37.32 -4.91
N SER A 173 11.08 38.45 -4.32
CA SER A 173 10.33 39.20 -3.27
C SER A 173 8.93 39.60 -3.75
N PRO A 174 8.03 39.99 -2.81
CA PRO A 174 6.78 40.66 -3.16
C PRO A 174 6.99 42.08 -3.72
N LEU A 175 8.07 42.76 -3.30
CA LEU A 175 8.52 44.09 -3.82
C LEU A 175 8.55 44.05 -5.35
N SER A 176 9.03 42.94 -5.93
CA SER A 176 9.26 42.73 -7.40
C SER A 176 7.93 42.61 -8.14
N PRO A 177 7.87 42.99 -9.44
CA PRO A 177 6.62 42.88 -10.22
C PRO A 177 6.31 41.43 -10.63
N ASN A 178 5.08 41.20 -11.04
CA ASN A 178 4.53 39.83 -11.34
C ASN A 178 5.26 39.18 -12.52
N GLU A 179 5.82 37.98 -12.31
CA GLU A 179 6.50 37.19 -13.38
C GLU A 179 5.47 36.36 -14.16
N ASP A 180 5.73 36.13 -15.44
CA ASP A 180 4.84 35.35 -16.34
C ASP A 180 5.44 33.97 -16.56
N PHE A 181 5.08 33.03 -15.69
CA PHE A 181 5.74 31.71 -15.56
C PHE A 181 4.65 30.66 -15.47
N ARG A 182 4.48 29.90 -16.56
CA ARG A 182 3.35 28.97 -16.75
C ARG A 182 3.91 27.63 -17.23
N PHE A 183 3.10 26.60 -17.09
CA PHE A 183 3.38 25.27 -17.67
C PHE A 183 2.06 24.66 -18.17
N VAL A 184 2.25 23.73 -19.09
CA VAL A 184 1.20 22.80 -19.58
C VAL A 184 1.82 21.42 -19.54
N ALA A 185 1.08 20.47 -19.02
CA ALA A 185 1.49 19.04 -18.95
C ALA A 185 0.40 18.20 -19.55
N VAL A 186 0.79 17.29 -20.41
CA VAL A 186 -0.16 16.35 -21.07
C VAL A 186 0.19 14.95 -20.57
N LYS A 187 -0.81 14.28 -19.99
CA LYS A 187 -0.63 12.90 -19.45
C LYS A 187 -0.34 11.96 -20.62
N ARG A 188 0.72 11.18 -20.51
CA ARG A 188 1.01 10.19 -21.54
C ARG A 188 -0.03 9.08 -21.45
N HIS A 189 -0.54 8.69 -22.62
N HIS A 189 -0.56 8.68 -22.60
CA HIS A 189 -1.20 7.41 -22.97
CA HIS A 189 -1.48 7.53 -22.70
C HIS A 189 -0.65 6.26 -22.10
C HIS A 189 -0.75 6.29 -22.15
N PHE A 190 -1.52 5.46 -21.47
CA PHE A 190 -1.09 4.16 -20.92
C PHE A 190 -1.09 3.13 -22.05
N PRO A 191 0.06 2.66 -22.58
CA PRO A 191 0.07 1.82 -23.79
C PRO A 191 -0.69 0.50 -23.62
N LEU A 192 -1.40 0.11 -24.67
CA LEU A 192 -2.23 -1.12 -24.71
C LEU A 192 -1.31 -2.32 -24.92
N ALA A 193 -1.75 -3.49 -24.46
CA ALA A 193 -0.95 -4.72 -24.54
C ALA A 193 -0.61 -4.99 -26.02
N HIS A 194 -1.55 -4.80 -26.92
CA HIS A 194 -1.34 -5.08 -28.38
C HIS A 194 -0.31 -4.14 -29.00
N GLU A 195 0.03 -3.03 -28.35
CA GLU A 195 1.09 -2.10 -28.79
C GLU A 195 2.45 -2.57 -28.26
N ARG A 196 2.52 -3.68 -27.54
CA ARG A 196 3.74 -4.09 -26.82
C ARG A 196 4.00 -5.59 -27.06
N ILE A 197 2.95 -6.41 -27.23
CA ILE A 197 3.10 -7.83 -27.66
C ILE A 197 2.33 -7.99 -28.96
N VAL A 198 3.05 -8.18 -30.05
CA VAL A 198 2.43 -8.30 -31.40
C VAL A 198 2.14 -9.77 -31.64
N LEU A 199 0.87 -10.10 -31.81
CA LEU A 199 0.46 -11.43 -32.29
C LEU A 199 0.69 -11.46 -33.79
N ASN A 200 1.21 -12.56 -34.29
CA ASN A 200 1.59 -12.63 -35.71
C ASN A 200 0.30 -12.73 -36.56
N GLU A 201 0.47 -12.48 -37.87
CA GLU A 201 -0.61 -12.33 -38.86
C GLU A 201 -1.51 -13.57 -38.86
N LYS A 202 -0.89 -14.73 -38.81
CA LYS A 202 -1.65 -16.01 -38.87
C LYS A 202 -2.44 -16.19 -37.56
N LEU A 203 -1.78 -16.07 -36.40
CA LEU A 203 -2.50 -16.24 -35.11
C LEU A 203 -3.64 -15.22 -35.05
N LEU A 204 -3.32 -13.96 -35.36
CA LEU A 204 -4.29 -12.86 -35.23
C LEU A 204 -5.45 -13.17 -36.17
N GLY A 205 -5.17 -13.62 -37.39
CA GLY A 205 -6.21 -13.97 -38.38
C GLY A 205 -7.20 -15.02 -37.84
N TRP A 206 -6.69 -16.05 -37.21
CA TRP A 206 -7.55 -17.06 -36.56
C TRP A 206 -8.36 -16.41 -35.41
N LEU A 207 -7.70 -15.66 -34.55
CA LEU A 207 -8.35 -15.12 -33.32
C LEU A 207 -9.47 -14.15 -33.66
N VAL A 208 -9.29 -13.30 -34.68
CA VAL A 208 -10.25 -12.18 -34.90
C VAL A 208 -11.38 -12.62 -35.82
N SER A 209 -11.28 -13.82 -36.40
CA SER A 209 -12.24 -14.37 -37.39
C SER A 209 -13.59 -14.49 -36.71
N PRO A 210 -14.68 -14.29 -37.48
CA PRO A 210 -16.03 -14.52 -36.98
C PRO A 210 -16.15 -15.93 -36.39
N GLN A 211 -15.56 -16.93 -37.03
CA GLN A 211 -15.73 -18.32 -36.54
C GLN A 211 -15.27 -18.42 -35.08
N HIS A 212 -14.06 -17.92 -34.80
CA HIS A 212 -13.40 -18.07 -33.50
C HIS A 212 -14.02 -17.13 -32.46
N ARG A 213 -14.36 -15.91 -32.83
CA ARG A 213 -14.95 -14.93 -31.88
C ARG A 213 -16.33 -15.43 -31.43
N LEU A 214 -17.13 -15.94 -32.36
CA LEU A 214 -18.50 -16.43 -32.06
C LEU A 214 -18.40 -17.74 -31.31
N PHE A 215 -17.47 -18.61 -31.72
CA PHE A 215 -17.20 -19.86 -30.99
C PHE A 215 -16.95 -19.54 -29.52
N HIS A 216 -16.00 -18.65 -29.26
CA HIS A 216 -15.54 -18.38 -27.87
C HIS A 216 -16.68 -17.75 -27.07
N GLN A 217 -17.39 -16.81 -27.66
CA GLN A 217 -18.53 -16.16 -26.97
C GLN A 217 -19.62 -17.19 -26.69
N LEU A 218 -19.92 -18.02 -27.68
CA LEU A 218 -21.04 -18.97 -27.57
C LEU A 218 -20.69 -20.11 -26.61
N TRP A 219 -19.44 -20.54 -26.62
CA TRP A 219 -18.99 -21.62 -25.71
C TRP A 219 -19.22 -21.17 -24.27
N HIS A 220 -18.82 -19.96 -23.93
CA HIS A 220 -19.06 -19.36 -22.59
C HIS A 220 -20.56 -19.14 -22.34
N ALA A 221 -21.28 -18.52 -23.27
CA ALA A 221 -22.69 -18.10 -23.02
C ALA A 221 -23.58 -19.32 -22.78
N SER A 222 -23.41 -20.36 -23.58
CA SER A 222 -24.20 -21.60 -23.42
C SER A 222 -24.06 -22.14 -22.00
N ARG A 223 -22.84 -22.36 -21.52
CA ARG A 223 -22.59 -23.01 -20.20
C ARG A 223 -22.82 -22.00 -19.07
N ASP A 224 -22.67 -20.71 -19.32
CA ASP A 224 -22.83 -19.65 -18.26
C ASP A 224 -24.31 -19.38 -18.03
N LYS A 225 -25.12 -19.38 -19.08
CA LYS A 225 -26.55 -19.03 -19.00
C LYS A 225 -27.42 -20.28 -18.81
N TRP A 226 -26.88 -21.48 -19.01
CA TRP A 226 -27.74 -22.71 -19.06
C TRP A 226 -28.76 -22.73 -17.93
N HIS A 227 -28.33 -22.53 -16.68
CA HIS A 227 -29.19 -22.73 -15.47
C HIS A 227 -30.36 -21.73 -15.45
N ARG A 228 -30.34 -20.70 -16.30
CA ARG A 228 -31.38 -19.64 -16.38
C ARG A 228 -32.12 -19.66 -17.73
N LEU A 229 -31.89 -20.67 -18.55
CA LEU A 229 -32.59 -20.76 -19.87
C LEU A 229 -33.84 -21.62 -19.70
N SER A 230 -34.91 -21.23 -20.36
CA SER A 230 -36.19 -21.96 -20.34
C SER A 230 -35.98 -23.30 -21.08
N GLU A 231 -36.93 -24.23 -20.97
CA GLU A 231 -36.86 -25.51 -21.71
C GLU A 231 -36.90 -25.22 -23.23
N LYS A 232 -37.62 -24.21 -23.73
CA LYS A 232 -37.61 -23.89 -25.18
C LYS A 232 -36.20 -23.47 -25.63
N GLN A 233 -35.57 -22.54 -24.93
CA GLN A 233 -34.19 -22.10 -25.24
C GLN A 233 -33.30 -23.34 -25.22
N ARG A 234 -33.37 -24.15 -24.17
CA ARG A 234 -32.48 -25.32 -24.06
C ARG A 234 -32.69 -26.29 -25.22
N ASN A 235 -33.95 -26.59 -25.57
CA ASN A 235 -34.25 -27.50 -26.71
C ASN A 235 -33.77 -26.88 -28.01
N ALA A 236 -33.87 -25.56 -28.18
CA ALA A 236 -33.42 -24.86 -29.39
C ALA A 236 -31.90 -25.02 -29.51
N LEU A 237 -31.16 -24.87 -28.40
CA LEU A 237 -29.69 -25.05 -28.43
C LEU A 237 -29.36 -26.53 -28.69
N ARG A 238 -30.06 -27.44 -28.04
CA ARG A 238 -29.91 -28.90 -28.27
C ARG A 238 -30.16 -29.20 -29.76
N GLY A 239 -31.14 -28.53 -30.41
CA GLY A 239 -31.51 -28.70 -31.83
C GLY A 239 -30.35 -28.37 -32.78
N VAL A 240 -29.44 -27.47 -32.38
CA VAL A 240 -28.27 -27.05 -33.24
C VAL A 240 -26.95 -27.54 -32.62
N GLY A 241 -27.01 -28.44 -31.66
CA GLY A 241 -25.82 -29.09 -31.11
C GLY A 241 -25.01 -28.20 -30.18
N TRP A 242 -25.59 -27.16 -29.60
CA TRP A 242 -24.82 -26.15 -28.84
C TRP A 242 -25.10 -26.18 -27.35
N GLN A 243 -25.74 -27.23 -26.86
CA GLN A 243 -25.93 -27.43 -25.41
C GLN A 243 -24.56 -27.69 -24.77
N PRO A 244 -24.33 -27.19 -23.55
CA PRO A 244 -23.03 -27.32 -22.89
C PRO A 244 -22.77 -28.72 -22.30
N GLY A 245 -22.25 -29.61 -23.12
CA GLY A 245 -21.92 -30.98 -22.74
C GLY A 245 -22.99 -31.95 -23.21
N PRO A 246 -23.12 -33.14 -22.57
CA PRO A 246 -23.96 -34.19 -23.10
C PRO A 246 -25.43 -33.77 -23.10
N LEU A 247 -26.08 -34.06 -24.22
CA LEU A 247 -27.53 -33.88 -24.40
C LEU A 247 -28.29 -34.42 -23.19
N ASP A 248 -29.11 -33.57 -22.59
CA ASP A 248 -30.00 -33.86 -21.44
C ASP A 248 -29.21 -34.14 -20.17
N ARG A 249 -27.88 -34.05 -20.19
CA ARG A 249 -27.03 -34.16 -18.95
C ARG A 249 -26.03 -33.01 -18.96
N GLU A 250 -26.51 -31.82 -19.32
CA GLU A 250 -25.64 -30.69 -19.67
C GLU A 250 -24.89 -30.23 -18.42
N ARG A 251 -23.68 -29.74 -18.60
CA ARG A 251 -22.82 -29.24 -17.52
C ARG A 251 -22.86 -27.70 -17.51
N ASP A 252 -23.93 -27.17 -16.95
CA ASP A 252 -24.03 -25.73 -16.66
C ASP A 252 -22.83 -25.37 -15.78
N ALA A 253 -22.26 -24.19 -15.97
CA ALA A 253 -21.05 -23.70 -15.28
C ALA A 253 -21.40 -22.84 -14.05
N ARG A 254 -22.66 -22.44 -13.90
CA ARG A 254 -23.01 -21.42 -12.89
C ARG A 254 -24.25 -21.81 -12.11
N GLY A 255 -24.81 -22.99 -12.33
CA GLY A 255 -25.95 -23.47 -11.54
C GLY A 255 -25.52 -24.03 -10.19
N PRO A 256 -26.49 -24.48 -9.38
CA PRO A 256 -26.23 -24.88 -8.00
C PRO A 256 -25.23 -26.04 -7.89
N ARG A 257 -25.13 -26.92 -8.89
CA ARG A 257 -24.22 -28.10 -8.78
C ARG A 257 -22.91 -27.88 -9.59
N LYS A 258 -22.58 -26.62 -9.85
CA LYS A 258 -21.49 -26.16 -10.75
C LYS A 258 -20.14 -26.73 -10.32
N ASP A 259 -19.89 -26.84 -9.01
CA ASP A 259 -18.61 -27.41 -8.49
C ASP A 259 -18.54 -28.94 -8.65
N ARG A 260 -19.67 -29.64 -8.76
CA ARG A 260 -19.74 -31.12 -8.73
C ARG A 260 -20.23 -31.71 -10.04
N ASN A 261 -20.61 -30.92 -11.04
CA ASN A 261 -21.20 -31.52 -12.26
C ASN A 261 -20.11 -31.73 -13.33
N ALA A 262 -18.85 -31.47 -13.00
CA ALA A 262 -17.70 -31.59 -13.93
C ALA A 262 -17.62 -30.45 -14.95
N SER A 263 -18.41 -29.39 -14.83
CA SER A 263 -18.28 -28.19 -15.71
C SER A 263 -16.82 -27.68 -15.68
N GLY A 264 -16.12 -27.81 -14.54
CA GLY A 264 -14.73 -27.38 -14.38
C GLY A 264 -13.77 -28.03 -15.36
N ILE A 265 -14.03 -29.29 -15.69
CA ILE A 265 -13.23 -30.04 -16.68
C ILE A 265 -13.40 -29.40 -18.05
N ASP A 266 -14.62 -29.03 -18.42
CA ASP A 266 -14.89 -28.35 -19.72
C ASP A 266 -14.07 -27.07 -19.78
N PHE A 267 -14.10 -26.29 -18.70
CA PHE A 267 -13.35 -25.04 -18.61
C PHE A 267 -11.86 -25.31 -18.85
N PHE A 268 -11.27 -26.22 -18.11
CA PHE A 268 -9.81 -26.45 -18.23
C PHE A 268 -9.47 -26.97 -19.63
N PHE A 269 -10.26 -27.91 -20.13
CA PHE A 269 -9.90 -28.65 -21.36
C PHE A 269 -10.07 -27.74 -22.57
N MET A 270 -11.18 -27.02 -22.66
CA MET A 270 -11.39 -26.12 -23.82
C MET A 270 -10.21 -25.15 -23.88
N HIS A 271 -9.81 -24.55 -22.76
CA HIS A 271 -8.71 -23.55 -22.77
C HIS A 271 -7.38 -24.21 -23.15
N ARG A 272 -7.12 -25.41 -22.64
CA ARG A 272 -5.89 -26.17 -22.99
C ARG A 272 -5.86 -26.42 -24.50
N HIS A 273 -6.99 -26.79 -25.09
CA HIS A 273 -7.13 -27.08 -26.54
C HIS A 273 -6.88 -25.80 -27.33
N MET A 274 -7.39 -24.67 -26.83
CA MET A 274 -7.19 -23.36 -27.47
C MET A 274 -5.71 -22.95 -27.38
N LEU A 275 -5.13 -23.07 -26.21
CA LEU A 275 -3.67 -22.81 -25.99
C LEU A 275 -2.80 -23.62 -26.96
N HIS A 276 -3.08 -24.92 -27.08
CA HIS A 276 -2.35 -25.84 -27.99
C HIS A 276 -2.39 -25.28 -29.43
N THR A 277 -3.55 -24.90 -29.95
CA THR A 277 -3.69 -24.28 -31.30
C THR A 277 -2.96 -22.93 -31.37
N ALA A 278 -3.22 -22.01 -30.44
CA ALA A 278 -2.56 -20.69 -30.45
C ALA A 278 -1.04 -20.92 -30.47
N ARG A 279 -0.55 -21.81 -29.61
CA ARG A 279 0.91 -22.03 -29.43
C ARG A 279 1.57 -22.73 -30.63
N SER A 280 0.81 -23.43 -31.49
CA SER A 280 1.37 -23.93 -32.77
C SER A 280 1.77 -22.72 -33.64
N MET A 281 1.08 -21.59 -33.50
CA MET A 281 1.23 -20.45 -34.45
C MET A 281 2.17 -19.39 -33.88
N GLN A 282 2.37 -19.37 -32.56
CA GLN A 282 3.24 -18.36 -31.98
C GLN A 282 3.69 -18.82 -30.60
N ASP A 283 4.93 -18.55 -30.26
CA ASP A 283 5.47 -18.72 -28.89
C ASP A 283 4.65 -17.84 -27.93
N LEU A 284 3.92 -18.46 -27.02
CA LEU A 284 3.06 -17.74 -26.04
C LEU A 284 3.33 -18.38 -24.70
N PRO A 285 4.55 -18.10 -24.00
CA PRO A 285 5.26 -18.57 -22.57
C PRO A 285 4.08 -18.21 -21.67
N SER A 286 3.80 -19.09 -20.73
CA SER A 286 2.87 -18.74 -19.64
C SER A 286 3.57 -17.76 -18.71
N TRP A 287 2.81 -17.02 -17.91
CA TRP A 287 3.45 -16.30 -16.79
C TRP A 287 3.90 -17.39 -15.81
N GLU A 288 5.11 -17.30 -15.27
CA GLU A 288 5.59 -18.24 -14.21
C GLU A 288 5.06 -17.79 -12.86
N ARG A 289 5.05 -16.49 -12.67
CA ARG A 289 4.58 -15.77 -11.47
C ARG A 289 3.66 -14.67 -11.96
N LEU A 290 2.61 -14.35 -11.19
CA LEU A 290 1.74 -13.18 -11.49
C LEU A 290 2.58 -11.92 -11.36
N PRO A 291 2.45 -10.99 -12.32
CA PRO A 291 3.05 -9.68 -12.23
C PRO A 291 2.67 -9.01 -10.92
N ARG A 292 3.67 -8.42 -10.28
CA ARG A 292 3.51 -7.60 -9.05
C ARG A 292 2.92 -6.25 -9.43
N PRO A 293 2.23 -5.59 -8.48
CA PRO A 293 1.79 -4.21 -8.66
C PRO A 293 2.99 -3.29 -8.84
N VAL A 294 2.73 -2.13 -9.44
CA VAL A 294 3.78 -1.12 -9.72
C VAL A 294 4.56 -0.83 -8.43
N VAL A 295 5.87 -0.79 -8.50
CA VAL A 295 6.74 -0.30 -7.41
C VAL A 295 6.43 1.18 -7.20
N PRO A 296 6.15 1.61 -5.96
CA PRO A 296 5.89 3.02 -5.71
C PRO A 296 7.08 3.89 -6.13
N LEU A 297 6.76 5.08 -6.62
CA LEU A 297 7.74 6.10 -7.05
C LEU A 297 8.80 6.35 -5.96
N GLU A 298 8.39 6.37 -4.68
CA GLU A 298 9.28 6.71 -3.52
C GLU A 298 10.45 5.73 -3.44
N TYR A 299 10.30 4.53 -3.99
CA TYR A 299 11.23 3.41 -3.76
C TYR A 299 12.02 3.05 -5.02
N ASP A 300 11.43 3.19 -6.20
CA ASP A 300 12.14 2.90 -7.47
C ASP A 300 11.56 3.77 -8.59
N ARG A 301 12.14 4.97 -8.76
CA ARG A 301 11.59 5.98 -9.68
C ARG A 301 11.63 5.45 -11.10
N PRO A 302 12.77 4.94 -11.61
CA PRO A 302 12.82 4.42 -12.97
C PRO A 302 11.84 3.26 -13.18
N GLY A 303 11.71 2.35 -12.21
CA GLY A 303 10.77 1.22 -12.30
C GLY A 303 9.32 1.68 -12.36
N PHE A 304 8.97 2.68 -11.57
CA PHE A 304 7.61 3.25 -11.57
C PHE A 304 7.34 3.86 -12.96
N ILE A 305 8.30 4.58 -13.50
CA ILE A 305 8.10 5.27 -14.80
C ILE A 305 7.95 4.21 -15.90
N ARG A 306 8.84 3.23 -15.93
CA ARG A 306 8.72 2.15 -16.94
C ARG A 306 7.32 1.55 -16.86
N TYR A 307 6.80 1.36 -15.66
CA TYR A 307 5.54 0.60 -15.50
C TYR A 307 4.51 1.23 -16.44
N PHE A 308 4.48 2.56 -16.45
CA PHE A 308 3.47 3.35 -17.19
C PHE A 308 3.71 3.30 -18.70
N ASP A 309 4.86 2.81 -19.15
CA ASP A 309 5.11 2.48 -20.57
C ASP A 309 4.65 1.04 -20.90
N ASN A 310 4.16 0.28 -19.91
CA ASN A 310 3.70 -1.11 -20.11
C ASN A 310 4.69 -1.86 -21.01
N PRO A 311 5.99 -1.90 -20.65
CA PRO A 311 7.02 -2.30 -21.60
C PRO A 311 6.91 -3.79 -22.00
N ASP A 312 6.45 -4.65 -21.10
CA ASP A 312 6.28 -6.08 -21.40
C ASP A 312 4.81 -6.36 -21.74
N GLY A 313 3.91 -5.36 -21.73
CA GLY A 313 2.46 -5.58 -21.96
C GLY A 313 1.73 -6.14 -20.75
N PHE A 314 2.39 -6.22 -19.61
CA PHE A 314 1.84 -6.90 -18.42
C PHE A 314 1.55 -5.90 -17.31
N SER A 315 1.67 -4.61 -17.57
CA SER A 315 1.29 -3.59 -16.58
C SER A 315 -0.24 -3.65 -16.41
N VAL A 316 -0.72 -3.40 -15.20
CA VAL A 316 -2.19 -3.28 -14.97
C VAL A 316 -2.69 -1.95 -15.51
N PRO A 317 -3.61 -1.94 -16.52
CA PRO A 317 -4.13 -0.68 -17.02
C PRO A 317 -4.91 0.00 -15.90
N PRO A 318 -4.71 1.31 -15.62
CA PRO A 318 -5.41 1.95 -14.51
C PRO A 318 -6.92 1.83 -14.65
N ALA A 319 -7.61 1.61 -13.54
CA ALA A 319 -9.08 1.56 -13.48
C ALA A 319 -9.66 2.83 -14.11
N TRP A 320 -10.80 2.70 -14.75
CA TRP A 320 -11.49 3.88 -15.31
C TRP A 320 -12.79 4.02 -14.52
N VAL A 321 -13.30 5.23 -14.49
CA VAL A 321 -14.57 5.56 -13.79
C VAL A 321 -15.69 5.20 -14.78
N ALA A 322 -16.59 4.33 -14.40
CA ALA A 322 -17.81 4.07 -15.17
C ALA A 322 -18.76 5.19 -14.84
N VAL A 323 -19.11 6.00 -15.84
CA VAL A 323 -20.15 7.05 -15.73
C VAL A 323 -21.41 6.39 -15.15
N ASP A 324 -21.93 6.93 -14.03
CA ASP A 324 -23.25 6.56 -13.46
C ASP A 324 -23.25 5.09 -13.00
N ASP A 325 -22.09 4.56 -12.59
CA ASP A 325 -22.02 3.17 -12.03
C ASP A 325 -20.86 3.14 -11.03
N ASP A 326 -21.10 3.71 -9.84
CA ASP A 326 -20.12 3.81 -8.74
C ASP A 326 -19.76 2.40 -8.24
N GLU A 327 -20.74 1.52 -8.16
CA GLU A 327 -20.53 0.11 -7.71
C GLU A 327 -19.51 -0.55 -8.66
N TYR A 328 -19.68 -0.44 -9.98
CA TYR A 328 -18.78 -1.07 -10.96
C TYR A 328 -17.41 -0.39 -10.85
N SER A 329 -17.40 0.93 -10.79
CA SER A 329 -16.17 1.74 -10.68
C SER A 329 -15.36 1.28 -9.47
N GLU A 330 -16.01 1.13 -8.32
CA GLU A 330 -15.36 0.71 -7.06
C GLU A 330 -14.85 -0.73 -7.21
N TRP A 331 -15.71 -1.61 -7.70
CA TRP A 331 -15.34 -3.04 -7.93
C TRP A 331 -14.08 -3.16 -8.81
N LEU A 332 -14.05 -2.48 -9.95
CA LEU A 332 -12.95 -2.53 -10.93
C LEU A 332 -11.68 -1.97 -10.29
N HIS A 333 -11.82 -0.84 -9.62
CA HIS A 333 -10.71 -0.19 -8.90
C HIS A 333 -10.13 -1.18 -7.88
N GLY A 334 -11.01 -1.82 -7.12
CA GLY A 334 -10.60 -2.80 -6.09
C GLY A 334 -9.73 -3.87 -6.72
N LEU A 335 -10.19 -4.47 -7.84
CA LEU A 335 -9.48 -5.68 -8.32
C LEU A 335 -8.24 -5.27 -9.12
N LYS A 336 -8.06 -3.97 -9.46
CA LYS A 336 -6.83 -3.49 -10.13
C LYS A 336 -5.82 -2.97 -9.11
N SER A 337 -6.16 -3.02 -7.83
CA SER A 337 -5.34 -2.43 -6.73
C SER A 337 -4.24 -3.36 -6.23
N ALA A 338 -3.23 -2.78 -5.59
CA ALA A 338 -2.17 -3.55 -4.91
C ALA A 338 -2.81 -4.41 -3.82
N GLU A 339 -3.75 -3.85 -3.06
CA GLU A 339 -4.49 -4.60 -2.01
C GLU A 339 -5.09 -5.88 -2.58
N ALA A 340 -5.67 -5.86 -3.79
CA ALA A 340 -6.28 -7.07 -4.38
C ALA A 340 -5.17 -8.05 -4.72
N TYR A 341 -4.02 -7.55 -5.17
CA TYR A 341 -2.89 -8.45 -5.47
C TYR A 341 -2.59 -9.26 -4.19
N HIS A 342 -2.44 -8.60 -3.03
CA HIS A 342 -1.95 -9.24 -1.80
C HIS A 342 -3.06 -9.97 -1.05
N ALA A 343 -4.32 -9.57 -1.25
CA ALA A 343 -5.48 -10.20 -0.58
C ALA A 343 -6.10 -11.31 -1.41
N ASN A 344 -6.07 -11.24 -2.73
CA ASN A 344 -6.75 -12.28 -3.54
C ASN A 344 -5.76 -12.97 -4.48
N PHE A 345 -5.14 -12.23 -5.39
CA PHE A 345 -4.35 -12.86 -6.48
C PHE A 345 -3.17 -13.66 -5.92
N LEU A 346 -2.45 -13.11 -4.95
CA LEU A 346 -1.27 -13.80 -4.36
C LEU A 346 -1.75 -15.04 -3.60
N VAL A 347 -2.96 -15.01 -3.02
CA VAL A 347 -3.56 -16.20 -2.37
C VAL A 347 -3.87 -17.26 -3.45
N TRP A 348 -4.47 -16.90 -4.55
CA TRP A 348 -4.73 -17.87 -5.64
C TRP A 348 -3.39 -18.43 -6.12
N GLU A 349 -2.37 -17.58 -6.22
CA GLU A 349 -1.05 -17.98 -6.76
C GLU A 349 -0.50 -19.09 -5.85
N SER A 350 -0.62 -18.89 -4.54
CA SER A 350 -0.21 -19.84 -3.47
C SER A 350 -1.03 -21.13 -3.51
N GLN A 351 -2.36 -21.04 -3.37
CA GLN A 351 -3.27 -22.20 -3.18
C GLN A 351 -3.10 -23.16 -4.36
N TYR A 352 -3.06 -22.63 -5.58
CA TYR A 352 -3.14 -23.44 -6.82
C TYR A 352 -1.75 -23.96 -7.16
N GLN A 353 -0.75 -23.69 -6.33
CA GLN A 353 0.56 -24.41 -6.39
C GLN A 353 0.83 -25.09 -5.04
N ASP A 354 -0.19 -25.23 -4.19
CA ASP A 354 -0.07 -25.89 -2.85
C ASP A 354 -0.53 -27.34 -3.00
N PRO A 355 0.37 -28.35 -2.96
CA PRO A 355 -0.06 -29.73 -3.14
C PRO A 355 -1.23 -30.16 -2.24
N ALA A 356 -1.18 -29.81 -0.95
CA ALA A 356 -2.23 -30.18 0.04
C ALA A 356 -3.56 -29.55 -0.34
N TYR A 357 -3.55 -28.35 -0.93
CA TYR A 357 -4.82 -27.68 -1.30
C TYR A 357 -5.43 -28.41 -2.50
N LEU A 358 -4.59 -28.64 -3.51
CA LEU A 358 -5.02 -29.21 -4.81
C LEU A 358 -5.46 -30.67 -4.60
N ALA A 359 -4.79 -31.37 -3.69
CA ALA A 359 -5.06 -32.80 -3.44
C ALA A 359 -6.49 -32.98 -2.88
N LYS A 360 -7.21 -31.93 -2.46
CA LYS A 360 -8.59 -32.06 -1.92
C LYS A 360 -9.64 -31.98 -3.03
N LEU A 361 -9.21 -31.66 -4.26
CA LEU A 361 -10.13 -31.29 -5.34
C LEU A 361 -10.06 -32.30 -6.48
N THR A 362 -11.20 -32.62 -7.02
CA THR A 362 -11.31 -33.29 -8.33
C THR A 362 -10.94 -32.22 -9.37
N LEU A 363 -10.57 -32.65 -10.57
CA LEU A 363 -10.28 -31.70 -11.67
C LEU A 363 -11.50 -30.81 -11.91
N GLY A 364 -12.71 -31.35 -11.76
CA GLY A 364 -13.96 -30.60 -11.91
C GLY A 364 -14.11 -29.53 -10.86
N GLN A 365 -13.88 -29.88 -9.60
CA GLN A 365 -13.97 -28.93 -8.49
C GLN A 365 -12.94 -27.81 -8.69
N PHE A 366 -11.72 -28.20 -9.06
CA PHE A 366 -10.60 -27.27 -9.28
C PHE A 366 -10.98 -26.26 -10.38
N GLY A 367 -11.41 -26.79 -11.51
CA GLY A 367 -11.74 -25.96 -12.68
C GLY A 367 -12.82 -24.95 -12.34
N SER A 368 -13.89 -25.39 -11.70
CA SER A 368 -15.05 -24.54 -11.37
C SER A 368 -14.56 -23.45 -10.38
N GLU A 369 -13.82 -23.86 -9.37
CA GLU A 369 -13.29 -22.88 -8.37
C GLU A 369 -12.45 -21.82 -9.09
N LEU A 370 -11.50 -22.26 -9.92
CA LEU A 370 -10.55 -21.32 -10.51
C LEU A 370 -11.30 -20.44 -11.51
N GLU A 371 -12.17 -21.01 -12.34
CA GLU A 371 -12.93 -20.20 -13.29
C GLU A 371 -13.72 -19.11 -12.56
N LEU A 372 -14.54 -19.49 -11.57
CA LEU A 372 -15.56 -18.57 -10.99
C LEU A 372 -14.90 -17.47 -10.15
N GLY A 373 -13.67 -17.67 -9.69
CA GLY A 373 -12.99 -16.68 -8.86
C GLY A 373 -11.91 -16.00 -9.65
N MET A 374 -10.78 -16.65 -9.77
CA MET A 374 -9.53 -16.04 -10.26
C MET A 374 -9.71 -15.68 -11.73
N HIS A 375 -10.32 -16.55 -12.54
CA HIS A 375 -10.30 -16.35 -14.01
C HIS A 375 -10.99 -15.03 -14.37
N ASP A 376 -12.21 -14.79 -13.89
CA ASP A 376 -12.96 -13.53 -14.20
C ASP A 376 -12.15 -12.32 -13.69
N TRP A 377 -11.53 -12.42 -12.51
CA TRP A 377 -10.70 -11.33 -11.93
C TRP A 377 -9.42 -11.09 -12.76
N LEU A 378 -8.82 -12.13 -13.35
CA LEU A 378 -7.62 -11.95 -14.21
C LEU A 378 -8.03 -11.15 -15.44
N HIS A 379 -9.19 -11.44 -16.00
CA HIS A 379 -9.67 -10.72 -17.20
C HIS A 379 -9.79 -9.23 -16.88
N MET A 380 -10.52 -8.88 -15.83
CA MET A 380 -10.83 -7.45 -15.56
C MET A 380 -9.62 -6.75 -14.97
N ARG A 381 -8.70 -7.43 -14.32
CA ARG A 381 -7.50 -6.74 -13.77
C ARG A 381 -6.61 -6.28 -14.92
N TRP A 382 -6.49 -7.06 -16.00
CA TRP A 382 -5.63 -6.62 -17.13
C TRP A 382 -6.46 -5.95 -18.22
N ALA A 383 -7.75 -5.73 -18.00
CA ALA A 383 -8.61 -5.10 -19.02
C ALA A 383 -8.27 -3.61 -19.12
N SER A 384 -8.26 -3.12 -20.35
CA SER A 384 -8.18 -1.69 -20.71
C SER A 384 -9.47 -1.35 -21.44
N VAL A 385 -9.86 -0.09 -21.34
CA VAL A 385 -11.19 0.41 -21.80
C VAL A 385 -11.40 0.04 -23.28
N THR A 386 -12.65 -0.35 -23.61
CA THR A 386 -13.04 -1.20 -24.76
C THR A 386 -12.01 -1.04 -25.88
N THR A 397 -18.69 2.50 -24.90
CA THR A 397 -19.79 1.54 -24.59
C THR A 397 -19.33 0.10 -24.81
N ASP A 398 -19.74 -0.83 -23.94
CA ASP A 398 -19.53 -2.27 -24.16
C ASP A 398 -20.53 -2.75 -25.23
N ARG A 399 -20.02 -3.50 -26.20
CA ARG A 399 -20.79 -4.25 -27.23
C ARG A 399 -21.89 -5.08 -26.57
N PHE A 400 -23.10 -5.06 -27.11
CA PHE A 400 -24.24 -5.93 -26.68
C PHE A 400 -23.94 -7.37 -27.12
N PRO A 401 -24.23 -8.40 -26.29
CA PRO A 401 -23.79 -9.75 -26.62
C PRO A 401 -24.21 -10.21 -28.03
N ALA A 402 -25.38 -9.79 -28.55
CA ALA A 402 -25.89 -10.29 -29.84
C ALA A 402 -25.74 -9.21 -30.93
N ASP A 403 -24.86 -8.23 -30.70
CA ASP A 403 -24.47 -7.23 -31.72
C ASP A 403 -23.28 -7.74 -32.55
N PHE A 404 -23.55 -8.14 -33.78
CA PHE A 404 -22.56 -8.68 -34.76
C PHE A 404 -22.30 -7.69 -35.90
N ALA A 405 -22.37 -6.38 -35.62
CA ALA A 405 -21.92 -5.33 -36.55
C ALA A 405 -20.47 -5.64 -36.93
N PRO A 406 -20.13 -5.55 -38.23
CA PRO A 406 -18.77 -5.81 -38.71
C PRO A 406 -17.61 -5.16 -37.93
N ARG A 407 -17.78 -3.94 -37.44
CA ARG A 407 -16.69 -3.16 -36.77
C ARG A 407 -16.22 -3.91 -35.53
N TRP A 408 -17.11 -4.69 -34.88
CA TRP A 408 -16.80 -5.48 -33.66
C TRP A 408 -15.83 -6.63 -33.98
N PHE A 409 -15.71 -7.07 -35.25
CA PHE A 409 -14.78 -8.16 -35.62
C PHE A 409 -13.35 -7.65 -35.87
N ARG A 410 -13.12 -6.35 -35.94
CA ARG A 410 -11.81 -5.76 -36.29
C ARG A 410 -10.77 -6.11 -35.21
N PRO A 411 -9.49 -6.27 -35.60
CA PRO A 411 -8.43 -6.63 -34.66
C PRO A 411 -8.25 -5.66 -33.48
N GLU A 412 -8.71 -4.42 -33.59
CA GLU A 412 -8.62 -3.43 -32.48
C GLU A 412 -9.52 -3.90 -31.33
N ASN A 413 -10.56 -4.69 -31.62
CA ASN A 413 -11.48 -5.15 -30.56
C ASN A 413 -10.87 -6.39 -29.89
N ASP A 414 -10.09 -6.16 -28.83
CA ASP A 414 -9.42 -7.19 -28.02
C ASP A 414 -9.77 -6.98 -26.55
N PHE A 415 -10.96 -6.45 -26.27
CA PHE A 415 -11.42 -6.18 -24.90
C PHE A 415 -11.40 -7.48 -24.06
N LEU A 416 -10.67 -7.47 -22.96
CA LEU A 416 -10.57 -8.66 -22.09
C LEU A 416 -11.87 -8.99 -21.36
N GLY A 417 -12.81 -8.06 -21.27
CA GLY A 417 -14.04 -8.21 -20.47
C GLY A 417 -15.16 -8.98 -21.19
N ASP A 418 -14.92 -9.41 -22.44
CA ASP A 418 -15.94 -10.08 -23.30
C ASP A 418 -15.25 -11.21 -24.07
N PRO A 419 -15.78 -12.43 -24.00
CA PRO A 419 -15.18 -13.57 -24.70
C PRO A 419 -15.26 -13.53 -26.24
N PHE A 420 -16.10 -12.64 -26.77
CA PHE A 420 -16.12 -12.30 -28.21
C PHE A 420 -14.76 -11.71 -28.60
N SER A 421 -14.03 -11.09 -27.66
CA SER A 421 -12.78 -10.32 -27.93
C SER A 421 -11.60 -10.67 -27.00
N SER A 422 -11.80 -11.36 -25.87
CA SER A 422 -10.76 -11.49 -24.80
C SER A 422 -9.51 -12.23 -25.33
N HIS A 423 -9.72 -13.28 -26.15
CA HIS A 423 -8.67 -14.13 -26.75
C HIS A 423 -7.81 -13.34 -27.73
N VAL A 424 -8.26 -12.18 -28.20
CA VAL A 424 -7.48 -11.36 -29.15
C VAL A 424 -6.40 -10.59 -28.37
N ASN A 425 -6.62 -10.34 -27.08
CA ASN A 425 -5.67 -9.61 -26.19
C ASN A 425 -4.48 -10.53 -25.90
N PRO A 426 -3.23 -10.05 -26.14
CA PRO A 426 -2.07 -10.89 -25.91
C PRO A 426 -1.92 -11.39 -24.46
N VAL A 427 -2.31 -10.60 -23.46
CA VAL A 427 -2.15 -10.99 -22.02
C VAL A 427 -3.01 -12.22 -21.70
N PHE A 428 -4.14 -12.40 -22.40
CA PHE A 428 -5.03 -13.56 -22.28
C PHE A 428 -4.21 -14.85 -22.30
N TRP A 429 -3.24 -14.92 -23.22
CA TRP A 429 -2.46 -16.15 -23.45
C TRP A 429 -1.52 -16.36 -22.28
N SER A 430 -0.96 -15.30 -21.74
CA SER A 430 0.01 -15.40 -20.61
C SER A 430 -0.72 -15.94 -19.38
N PHE A 431 -1.90 -15.42 -19.02
CA PHE A 431 -2.56 -15.91 -17.78
C PHE A 431 -3.30 -17.22 -18.07
N HIS A 432 -3.81 -17.47 -19.27
CA HIS A 432 -4.36 -18.83 -19.57
C HIS A 432 -3.26 -19.89 -19.53
N GLY A 433 -2.04 -19.55 -19.95
CA GLY A 433 -0.88 -20.44 -19.82
C GLY A 433 -0.64 -20.74 -18.35
N TRP A 434 -0.67 -19.71 -17.52
CA TRP A 434 -0.49 -19.89 -16.07
C TRP A 434 -1.56 -20.84 -15.55
N ILE A 435 -2.82 -20.64 -15.92
CA ILE A 435 -3.92 -21.48 -15.36
C ILE A 435 -3.67 -22.93 -15.79
N ASP A 436 -3.28 -23.10 -17.06
CA ASP A 436 -3.18 -24.43 -17.69
C ASP A 436 -2.01 -25.16 -17.04
N ASP A 437 -0.95 -24.47 -16.62
CA ASP A 437 0.22 -25.07 -15.92
C ASP A 437 -0.20 -25.58 -14.52
N ARG A 438 -1.23 -24.99 -13.89
CA ARG A 438 -1.65 -25.40 -12.54
C ARG A 438 -2.31 -26.79 -12.60
N ILE A 439 -2.81 -27.18 -13.77
CA ILE A 439 -3.36 -28.54 -13.94
C ILE A 439 -2.24 -29.54 -13.65
N GLU A 440 -1.01 -29.22 -14.05
CA GLU A 440 0.15 -30.11 -13.81
C GLU A 440 0.44 -30.13 -12.30
N ASP A 441 0.34 -28.98 -11.60
CA ASP A 441 0.48 -28.95 -10.11
C ASP A 441 -0.58 -29.88 -9.48
N TRP A 442 -1.79 -29.85 -10.03
CA TRP A 442 -2.91 -30.63 -9.48
C TRP A 442 -2.61 -32.12 -9.67
N TYR A 443 -2.15 -32.49 -10.86
CA TYR A 443 -1.73 -33.88 -11.14
C TYR A 443 -0.65 -34.31 -10.14
N ARG A 444 0.41 -33.52 -10.02
CA ARG A 444 1.53 -33.82 -9.10
C ARG A 444 1.00 -33.94 -7.68
N ALA A 445 0.02 -33.11 -7.32
CA ALA A 445 -0.59 -33.13 -5.97
C ALA A 445 -1.19 -34.51 -5.74
N HIS A 446 -1.96 -35.02 -6.69
CA HIS A 446 -2.66 -36.31 -6.51
C HIS A 446 -1.65 -37.45 -6.62
N GLU A 447 -0.62 -37.30 -7.45
CA GLU A 447 0.43 -38.34 -7.55
C GLU A 447 1.20 -38.44 -6.21
N ARG A 448 1.28 -37.34 -5.45
CA ARG A 448 1.90 -37.36 -4.12
C ARG A 448 0.93 -38.00 -3.14
N PHE A 449 -0.32 -37.52 -3.09
CA PHE A 449 -1.26 -37.92 -2.01
C PHE A 449 -2.04 -39.17 -2.41
N HIS A 450 -2.22 -39.43 -3.70
CA HIS A 450 -3.11 -40.53 -4.15
C HIS A 450 -2.45 -41.26 -5.30
N PRO A 451 -1.23 -41.79 -5.08
CA PRO A 451 -0.46 -42.37 -6.18
C PRO A 451 -1.30 -43.36 -6.99
N GLY A 452 -1.25 -43.19 -8.31
CA GLY A 452 -1.93 -44.04 -9.30
C GLY A 452 -3.41 -43.75 -9.44
N GLU A 453 -4.01 -42.90 -8.59
CA GLU A 453 -5.49 -42.66 -8.64
C GLU A 453 -5.86 -41.72 -9.79
N VAL A 454 -4.91 -41.00 -10.38
CA VAL A 454 -5.14 -40.17 -11.60
C VAL A 454 -4.22 -40.73 -12.70
N GLN A 455 -4.77 -40.96 -13.87
CA GLN A 455 -4.03 -41.55 -15.00
C GLN A 455 -4.13 -40.57 -16.17
N ARG A 456 -3.03 -40.37 -16.88
CA ARG A 456 -2.94 -39.52 -18.10
C ARG A 456 -3.62 -40.25 -19.24
N ARG A 457 -4.13 -39.48 -20.18
CA ARG A 457 -4.82 -40.00 -21.38
C ARG A 457 -4.83 -38.91 -22.43
N GLU A 458 -4.57 -39.26 -23.69
CA GLU A 458 -4.71 -38.29 -24.80
C GLU A 458 -6.20 -38.18 -25.15
N VAL A 459 -6.70 -36.95 -25.26
CA VAL A 459 -8.14 -36.70 -25.57
C VAL A 459 -8.23 -35.58 -26.60
N GLU A 460 -8.86 -35.85 -27.75
CA GLU A 460 -8.97 -34.93 -28.90
C GLU A 460 -7.58 -34.34 -29.22
N GLY A 461 -6.53 -35.18 -29.18
CA GLY A 461 -5.17 -34.78 -29.57
C GLY A 461 -4.47 -33.97 -28.49
N ILE A 462 -5.04 -33.91 -27.29
CA ILE A 462 -4.53 -33.08 -26.18
C ILE A 462 -4.13 -34.02 -25.04
N GLN A 463 -2.94 -33.84 -24.48
CA GLN A 463 -2.51 -34.58 -23.26
C GLN A 463 -3.45 -34.17 -22.10
N TRP A 464 -4.11 -35.16 -21.53
CA TRP A 464 -5.21 -34.98 -20.57
C TRP A 464 -5.18 -36.11 -19.55
N PHE A 465 -6.34 -36.49 -19.02
CA PHE A 465 -6.48 -37.44 -17.90
C PHE A 465 -7.68 -38.34 -18.22
N ALA A 466 -7.55 -39.61 -17.83
CA ALA A 466 -8.64 -40.59 -17.85
C ALA A 466 -9.64 -40.23 -16.76
N PRO A 467 -10.92 -40.56 -16.96
CA PRO A 467 -11.89 -40.48 -15.90
C PRO A 467 -11.48 -41.42 -14.76
N GLY A 468 -11.89 -41.06 -13.56
CA GLY A 468 -11.57 -41.82 -12.36
C GLY A 468 -12.07 -41.08 -11.15
N ARG A 469 -11.54 -41.46 -9.99
CA ARG A 469 -11.91 -40.92 -8.66
C ARG A 469 -11.80 -39.39 -8.66
N TRP A 470 -10.80 -38.82 -9.35
CA TRP A 470 -10.51 -37.36 -9.29
C TRP A 470 -10.79 -36.64 -10.61
N VAL A 471 -11.33 -37.35 -11.60
CA VAL A 471 -11.68 -36.80 -12.95
C VAL A 471 -13.08 -37.28 -13.30
N GLU A 472 -14.07 -36.44 -13.12
CA GLU A 472 -15.50 -36.87 -13.05
C GLU A 472 -15.96 -37.38 -14.42
N VAL A 473 -15.43 -36.86 -15.52
CA VAL A 473 -15.93 -37.24 -16.86
C VAL A 473 -14.75 -37.36 -17.80
N GLY A 474 -14.96 -38.12 -18.87
CA GLY A 474 -13.95 -38.40 -19.91
C GLY A 474 -14.25 -37.72 -21.23
N ASP A 475 -15.36 -36.97 -21.33
CA ASP A 475 -15.89 -36.40 -22.59
C ASP A 475 -15.90 -34.87 -22.46
N PRO A 476 -14.75 -34.18 -22.37
CA PRO A 476 -14.76 -32.71 -22.23
C PRO A 476 -15.45 -32.04 -23.43
N TRP A 477 -16.10 -30.90 -23.18
CA TRP A 477 -17.00 -30.22 -24.15
C TRP A 477 -16.25 -29.17 -24.96
N LEU A 478 -16.16 -29.38 -26.28
CA LEU A 478 -15.57 -28.37 -27.17
C LEU A 478 -16.64 -27.75 -28.02
N GLY A 479 -17.91 -28.06 -27.74
CA GLY A 479 -18.97 -27.54 -28.62
C GLY A 479 -19.49 -28.65 -29.48
N PRO A 480 -20.17 -28.34 -30.60
CA PRO A 480 -20.82 -29.38 -31.39
C PRO A 480 -19.88 -30.51 -31.85
N ALA A 481 -18.59 -30.24 -32.08
CA ALA A 481 -17.63 -31.26 -32.54
C ALA A 481 -17.66 -32.41 -31.54
N THR A 482 -17.81 -32.13 -30.24
CA THR A 482 -17.74 -33.21 -29.24
C THR A 482 -19.12 -33.69 -28.80
N HIS A 483 -20.17 -32.86 -28.82
CA HIS A 483 -21.46 -33.24 -28.15
C HIS A 483 -22.71 -32.91 -28.97
N GLY A 484 -22.55 -32.39 -30.19
CA GLY A 484 -23.67 -31.99 -31.05
C GLY A 484 -24.55 -33.18 -31.38
N GLY A 486 -28.02 -32.70 -32.94
CA GLY A 486 -29.06 -31.78 -33.44
C GLY A 486 -30.24 -32.51 -34.04
N LEU A 487 -31.31 -31.76 -34.30
CA LEU A 487 -32.53 -32.18 -35.03
C LEU A 487 -32.20 -32.29 -36.52
N GLU A 498 -15.74 -27.58 -39.54
CA GLU A 498 -15.62 -26.14 -39.17
C GLU A 498 -17.02 -25.61 -38.81
N LEU A 499 -17.11 -24.75 -37.79
CA LEU A 499 -18.41 -24.38 -37.17
C LEU A 499 -19.09 -23.28 -38.01
N ASP A 500 -20.39 -23.45 -38.23
CA ASP A 500 -21.20 -22.58 -39.10
C ASP A 500 -21.48 -21.30 -38.32
N VAL A 501 -21.14 -20.16 -38.93
CA VAL A 501 -21.18 -18.82 -38.29
C VAL A 501 -22.64 -18.48 -38.02
N GLU A 502 -23.55 -18.77 -38.94
CA GLU A 502 -24.98 -18.38 -38.80
C GLU A 502 -25.64 -19.20 -37.68
N THR A 503 -25.32 -20.49 -37.57
CA THR A 503 -25.78 -21.33 -36.46
C THR A 503 -25.33 -20.71 -35.13
N MET A 504 -24.08 -20.23 -35.02
CA MET A 504 -23.57 -19.70 -33.74
C MET A 504 -24.29 -18.40 -33.42
N LYS A 505 -24.53 -17.55 -34.42
CA LYS A 505 -25.30 -16.30 -34.21
C LYS A 505 -26.74 -16.64 -33.83
N LEU A 506 -27.36 -17.65 -34.44
CA LEU A 506 -28.71 -18.12 -34.03
C LEU A 506 -28.68 -18.57 -32.55
N ALA A 507 -27.70 -19.38 -32.17
CA ALA A 507 -27.60 -19.88 -30.78
C ALA A 507 -27.37 -18.68 -29.83
N LEU A 508 -26.57 -17.67 -30.21
CA LEU A 508 -26.42 -16.48 -29.33
C LEU A 508 -27.74 -15.71 -29.21
N ARG A 509 -28.51 -15.61 -30.29
CA ARG A 509 -29.80 -14.90 -30.24
C ARG A 509 -30.78 -15.65 -29.35
N ILE A 510 -30.78 -16.99 -29.40
CA ILE A 510 -31.60 -17.81 -28.48
C ILE A 510 -31.26 -17.45 -27.02
N ILE A 511 -29.99 -17.37 -26.67
CA ILE A 511 -29.55 -17.10 -25.27
C ILE A 511 -29.83 -15.64 -24.91
N PHE A 512 -29.59 -14.68 -25.81
CA PHE A 512 -29.61 -13.24 -25.46
C PHE A 512 -30.86 -12.53 -26.00
N SER A 513 -32.03 -13.18 -26.06
CA SER A 513 -33.26 -12.74 -26.79
C SER A 513 -33.99 -11.56 -26.11
N ALA A 525 -30.45 0.48 -16.22
CA ALA A 525 -29.40 -0.57 -16.30
C ALA A 525 -28.11 0.05 -16.86
N PRO A 526 -27.12 0.42 -16.01
CA PRO A 526 -25.80 0.79 -16.53
C PRO A 526 -25.13 -0.48 -17.08
N ARG A 527 -24.73 -0.46 -18.37
CA ARG A 527 -24.13 -1.63 -19.07
C ARG A 527 -22.73 -1.92 -18.49
N ARG A 528 -22.39 -3.20 -18.40
CA ARG A 528 -21.11 -3.71 -17.84
C ARG A 528 -20.61 -4.81 -18.75
N PRO A 529 -19.27 -5.00 -18.85
CA PRO A 529 -18.73 -6.11 -19.61
C PRO A 529 -19.04 -7.48 -18.98
N TRP A 530 -19.12 -8.47 -19.85
CA TRP A 530 -19.33 -9.90 -19.51
C TRP A 530 -18.62 -10.30 -18.19
N TYR A 531 -17.31 -10.08 -18.05
CA TYR A 531 -16.50 -10.59 -16.91
C TYR A 531 -16.70 -9.68 -15.67
N ALA A 532 -17.55 -8.66 -15.77
CA ALA A 532 -18.00 -7.77 -14.66
C ALA A 532 -19.45 -8.08 -14.19
N ARG A 533 -20.18 -8.92 -14.93
CA ARG A 533 -21.64 -9.18 -14.75
C ARG A 533 -21.91 -9.87 -13.39
N ASN A 534 -20.90 -10.55 -12.80
CA ASN A 534 -21.00 -11.25 -11.47
C ASN A 534 -20.29 -10.42 -10.38
N LEU A 535 -20.11 -9.12 -10.62
CA LEU A 535 -19.35 -8.25 -9.67
C LEU A 535 -20.07 -8.28 -8.31
N LYS A 536 -19.26 -8.45 -7.27
CA LYS A 536 -19.68 -8.30 -5.85
C LYS A 536 -18.59 -7.47 -5.13
N LEU A 537 -19.02 -6.34 -4.56
CA LEU A 537 -18.28 -5.57 -3.53
C LEU A 537 -18.35 -6.29 -2.18
N ALA A 538 -17.23 -6.29 -1.43
CA ALA A 538 -17.22 -6.58 0.02
C ALA A 538 -17.89 -5.42 0.76
N ARG A 539 -18.33 -5.65 2.01
CA ARG A 539 -18.98 -4.62 2.87
C ARG A 539 -18.01 -3.44 3.11
N ASP A 540 -16.70 -3.71 3.20
CA ASP A 540 -15.61 -2.69 3.20
C ASP A 540 -15.83 -1.64 2.10
N GLN A 541 -16.16 -2.06 0.86
CA GLN A 541 -16.13 -1.20 -0.37
C GLN A 541 -17.42 -0.37 -0.47
N PRO B 36 -21.92 -28.10 0.54
CA PRO B 36 -21.99 -26.62 0.65
C PRO B 36 -21.71 -25.93 -0.70
N GLN B 37 -22.65 -25.11 -1.16
CA GLN B 37 -22.56 -24.41 -2.45
C GLN B 37 -21.25 -23.60 -2.46
N THR B 38 -20.56 -23.58 -3.59
CA THR B 38 -19.29 -22.81 -3.75
C THR B 38 -19.65 -21.38 -4.12
N PRO B 39 -18.73 -20.41 -3.90
CA PRO B 39 -19.00 -19.01 -4.27
C PRO B 39 -19.27 -18.84 -5.79
N ASP B 40 -20.12 -17.88 -6.15
CA ASP B 40 -20.51 -17.53 -7.53
C ASP B 40 -19.46 -16.60 -8.14
N GLU B 41 -18.68 -15.93 -7.30
CA GLU B 41 -17.78 -14.84 -7.71
C GLU B 41 -16.76 -14.64 -6.58
N ALA B 42 -15.58 -14.13 -6.93
CA ALA B 42 -14.63 -13.58 -5.94
C ALA B 42 -15.10 -12.19 -5.47
N SER B 43 -14.68 -11.83 -4.27
CA SER B 43 -14.78 -10.44 -3.78
C SER B 43 -13.46 -10.09 -3.08
N LEU B 44 -13.19 -8.79 -2.99
CA LEU B 44 -11.98 -8.28 -2.32
C LEU B 44 -11.97 -8.83 -0.88
N ASP B 45 -10.95 -9.62 -0.55
CA ASP B 45 -10.87 -10.34 0.75
C ASP B 45 -9.70 -9.82 1.58
N LEU B 46 -9.75 -8.57 2.03
CA LEU B 46 -8.70 -7.97 2.88
C LEU B 46 -8.57 -8.78 4.18
N ALA B 47 -7.37 -8.91 4.72
CA ALA B 47 -7.15 -9.54 6.03
C ALA B 47 -8.04 -8.82 7.05
N ALA B 48 -8.71 -9.60 7.91
CA ALA B 48 -9.44 -9.09 9.09
C ALA B 48 -8.42 -9.02 10.25
N THR B 49 -8.84 -8.57 11.42
CA THR B 49 -7.95 -8.29 12.58
C THR B 49 -6.96 -9.44 12.80
N ASP B 50 -7.43 -10.67 12.87
CA ASP B 50 -6.62 -11.86 13.22
C ASP B 50 -5.52 -12.07 12.17
N GLY B 51 -5.83 -11.95 10.89
CA GLY B 51 -4.85 -12.17 9.79
C GLY B 51 -3.83 -11.04 9.77
N ILE B 52 -4.27 -9.81 10.07
CA ILE B 52 -3.39 -8.61 10.15
C ILE B 52 -2.37 -8.85 11.27
N ARG B 53 -2.85 -9.24 12.44
CA ARG B 53 -1.96 -9.51 13.60
C ARG B 53 -1.02 -10.67 13.25
N LEU B 54 -1.53 -11.71 12.62
CA LEU B 54 -0.65 -12.87 12.31
C LEU B 54 0.46 -12.43 11.36
N GLY B 55 0.08 -11.69 10.32
CA GLY B 55 1.01 -11.10 9.35
C GLY B 55 2.12 -10.35 10.06
N ASP B 56 1.75 -9.54 11.06
CA ASP B 56 2.65 -8.68 11.88
C ASP B 56 3.58 -9.59 12.69
N ARG B 57 3.12 -10.72 13.18
CA ARG B 57 4.03 -11.60 13.94
C ARG B 57 5.03 -12.23 12.99
N LEU B 58 4.64 -12.48 11.74
CA LEU B 58 5.52 -13.19 10.78
C LEU B 58 6.51 -12.21 10.14
N ARG B 59 6.12 -10.97 9.89
CA ARG B 59 6.88 -9.98 9.08
C ARG B 59 8.22 -9.63 9.72
N GLY B 60 9.31 -9.81 8.98
CA GLY B 60 10.63 -9.43 9.46
C GLY B 60 11.63 -10.53 9.21
N LEU B 61 12.72 -10.50 9.98
CA LEU B 61 13.89 -11.38 9.75
C LEU B 61 13.94 -12.38 10.89
N TRP B 62 14.17 -13.65 10.55
CA TRP B 62 14.25 -14.78 11.50
C TRP B 62 15.58 -15.49 11.36
N ASP B 63 16.17 -15.90 12.47
CA ASP B 63 17.35 -16.80 12.46
C ASP B 63 16.83 -18.23 12.42
N LEU B 64 17.30 -19.05 11.48
CA LEU B 64 16.71 -20.38 11.25
C LEU B 64 17.82 -21.43 11.38
N ARG B 65 17.49 -22.55 12.03
CA ARG B 65 18.35 -23.76 12.04
C ARG B 65 17.51 -24.98 11.68
N LEU B 66 18.06 -25.87 10.87
CA LEU B 66 17.45 -27.17 10.54
C LEU B 66 17.77 -28.15 11.68
N VAL B 67 16.81 -29.01 11.99
CA VAL B 67 16.84 -29.95 13.13
C VAL B 67 16.34 -31.30 12.64
N GLY B 68 17.00 -32.38 13.06
CA GLY B 68 16.55 -33.77 12.83
C GLY B 68 17.45 -34.52 11.87
N GLY B 69 17.37 -35.85 11.90
CA GLY B 69 18.21 -36.76 11.10
C GLY B 69 18.25 -36.40 9.62
N ASP B 70 17.09 -36.11 9.00
CA ASP B 70 16.97 -35.96 7.52
C ASP B 70 16.94 -34.49 7.08
N ALA B 71 17.25 -33.54 7.98
CA ALA B 71 17.10 -32.09 7.72
C ALA B 71 18.27 -31.55 6.90
N GLU B 72 18.13 -31.50 5.57
CA GLU B 72 19.09 -30.88 4.61
C GLU B 72 18.30 -30.12 3.52
N LEU B 73 18.71 -28.90 3.19
CA LEU B 73 18.29 -28.16 1.97
C LEU B 73 19.48 -28.13 1.02
N PRO B 74 19.30 -28.45 -0.27
CA PRO B 74 20.43 -28.47 -1.19
C PRO B 74 21.13 -27.11 -1.22
N GLY B 75 22.46 -27.12 -1.07
CA GLY B 75 23.34 -25.97 -1.34
C GLY B 75 23.41 -25.01 -0.17
N LEU B 76 22.89 -25.42 0.99
CA LEU B 76 22.84 -24.58 2.21
C LEU B 76 23.39 -25.37 3.39
N PRO B 77 24.03 -24.70 4.38
CA PRO B 77 24.35 -25.34 5.66
C PRO B 77 23.08 -25.57 6.49
N ARG B 78 23.22 -26.30 7.60
CA ARG B 78 22.08 -26.68 8.48
C ARG B 78 21.86 -25.56 9.49
N GLU B 79 22.93 -24.83 9.80
CA GLU B 79 22.93 -23.76 10.83
C GLU B 79 23.21 -22.44 10.13
N GLY B 80 22.88 -21.32 10.77
CA GLY B 80 23.25 -19.99 10.25
C GLY B 80 22.41 -19.62 9.04
N LEU B 81 21.20 -20.16 8.90
CA LEU B 81 20.23 -19.71 7.86
C LEU B 81 19.39 -18.57 8.41
N GLN B 82 18.79 -17.82 7.50
CA GLN B 82 17.74 -16.83 7.82
C GLN B 82 16.51 -17.02 6.93
N LEU B 83 15.36 -16.66 7.50
CA LEU B 83 14.05 -16.62 6.84
C LEU B 83 13.56 -15.18 6.92
N VAL B 84 13.39 -14.52 5.77
CA VAL B 84 12.75 -13.17 5.73
C VAL B 84 11.31 -13.37 5.22
N LEU B 85 10.33 -12.92 5.97
CA LEU B 85 8.88 -13.01 5.59
C LEU B 85 8.27 -11.62 5.46
N ASP B 86 7.39 -11.43 4.48
CA ASP B 86 6.57 -10.20 4.36
C ASP B 86 5.12 -10.62 4.05
N VAL B 87 4.21 -9.89 4.65
CA VAL B 87 2.77 -9.89 4.37
C VAL B 87 2.43 -8.43 4.20
N ALA B 88 1.66 -8.09 3.16
CA ALA B 88 1.19 -6.71 2.95
C ALA B 88 0.28 -6.30 4.11
N PRO B 89 0.09 -5.00 4.36
CA PRO B 89 -0.62 -4.55 5.54
C PRO B 89 -2.00 -5.19 5.69
N LYS B 90 -2.71 -5.44 4.59
CA LYS B 90 -4.00 -6.19 4.68
C LYS B 90 -3.97 -7.38 3.74
N GLY B 91 -2.76 -7.87 3.52
CA GLY B 91 -2.56 -9.02 2.63
C GLY B 91 -2.82 -10.29 3.35
N ARG B 92 -3.16 -11.30 2.55
CA ARG B 92 -3.32 -12.67 3.02
C ARG B 92 -2.25 -13.54 2.40
N GLY B 93 -1.53 -13.06 1.41
CA GLY B 93 -0.37 -13.83 0.89
C GLY B 93 0.84 -13.69 1.78
N LEU B 94 1.65 -14.73 1.85
CA LEU B 94 2.93 -14.75 2.57
C LEU B 94 4.04 -14.93 1.55
N ILE B 95 5.02 -14.03 1.56
CA ILE B 95 6.20 -14.19 0.67
C ILE B 95 7.46 -14.13 1.51
N GLY B 96 8.58 -14.50 0.91
CA GLY B 96 9.83 -14.46 1.62
C GLY B 96 10.92 -15.17 0.90
N TYR B 97 12.05 -15.25 1.57
CA TYR B 97 13.26 -15.94 1.10
C TYR B 97 13.94 -16.64 2.27
N LEU B 98 14.63 -17.72 1.91
CA LEU B 98 15.37 -18.59 2.86
C LEU B 98 16.76 -18.79 2.27
N ASP B 99 17.78 -18.26 2.94
CA ASP B 99 19.20 -18.43 2.55
C ASP B 99 20.08 -18.06 3.73
N THR B 100 21.40 -18.04 3.52
CA THR B 100 22.36 -17.43 4.48
C THR B 100 22.12 -15.93 4.58
N PRO B 101 22.46 -15.31 5.73
CA PRO B 101 22.30 -13.87 5.92
C PRO B 101 22.93 -13.04 4.78
N GLU B 102 24.12 -13.44 4.35
CA GLU B 102 24.88 -12.76 3.27
C GLU B 102 24.08 -12.86 1.96
N ARG B 103 23.59 -14.05 1.63
CA ARG B 103 22.82 -14.24 0.39
C ARG B 103 21.50 -13.43 0.44
N LEU B 104 20.84 -13.30 1.59
CA LEU B 104 19.58 -12.51 1.67
C LEU B 104 19.86 -11.02 1.38
N LEU B 105 21.06 -10.53 1.65
CA LEU B 105 21.41 -9.11 1.39
C LEU B 105 22.03 -8.97 0.01
N ALA B 106 22.34 -10.04 -0.68
CA ALA B 106 23.03 -9.98 -1.99
C ALA B 106 22.05 -9.69 -3.13
N ALA B 107 22.63 -9.35 -4.29
CA ALA B 107 21.96 -8.84 -5.49
C ALA B 107 21.21 -9.99 -6.16
N GLU B 108 21.86 -11.17 -6.24
CA GLU B 108 21.34 -12.35 -6.95
C GLU B 108 20.15 -12.95 -6.20
N PRO B 109 19.25 -13.66 -6.93
CA PRO B 109 18.13 -14.36 -6.30
C PRO B 109 18.59 -15.27 -5.16
N PRO B 110 18.01 -15.13 -3.96
CA PRO B 110 18.23 -16.12 -2.91
C PRO B 110 17.88 -17.53 -3.37
N ARG B 111 18.41 -18.53 -2.68
CA ARG B 111 18.33 -19.92 -3.15
C ARG B 111 16.87 -20.37 -3.09
N PHE B 112 16.18 -20.10 -1.99
CA PHE B 112 14.78 -20.52 -1.77
C PHE B 112 13.91 -19.30 -1.60
N ARG B 113 12.78 -19.34 -2.30
CA ARG B 113 11.70 -18.36 -2.20
C ARG B 113 10.54 -19.01 -1.47
N VAL B 114 9.95 -18.25 -0.56
CA VAL B 114 8.74 -18.62 0.22
C VAL B 114 7.50 -18.13 -0.54
N LEU B 115 6.53 -19.02 -0.69
CA LEU B 115 5.18 -18.68 -1.22
C LEU B 115 4.14 -19.41 -0.38
N GLY B 116 3.29 -18.65 0.27
CA GLY B 116 2.24 -19.20 1.12
C GLY B 116 1.08 -18.26 1.17
N ASP B 117 0.11 -18.62 2.00
CA ASP B 117 -1.09 -17.81 2.26
C ASP B 117 -1.56 -18.15 3.68
N LEU B 118 -2.24 -17.19 4.27
CA LEU B 118 -2.63 -17.26 5.70
C LEU B 118 -4.13 -17.61 5.80
N LEU B 119 -4.77 -18.15 4.76
CA LEU B 119 -6.19 -18.62 4.89
C LEU B 119 -6.27 -19.79 5.87
N GLY B 120 -7.02 -19.64 6.95
CA GLY B 120 -7.14 -20.68 7.99
C GLY B 120 -5.85 -20.79 8.80
N ALA B 121 -4.92 -19.84 8.68
CA ALA B 121 -3.67 -19.87 9.48
C ALA B 121 -3.96 -19.30 10.89
N SER B 122 -3.16 -19.72 11.88
CA SER B 122 -3.17 -19.19 13.27
C SER B 122 -1.81 -19.50 13.88
N SER B 123 -1.63 -19.23 15.17
CA SER B 123 -0.48 -19.72 16.00
C SER B 123 -0.26 -21.23 15.83
N ALA B 124 -1.34 -22.00 15.57
CA ALA B 124 -1.38 -23.49 15.52
C ALA B 124 -0.94 -24.06 14.17
N SER B 125 -0.95 -23.26 13.10
CA SER B 125 -0.66 -23.73 11.72
C SER B 125 -0.42 -22.54 10.78
N ILE B 126 0.84 -22.35 10.39
CA ILE B 126 1.29 -21.45 9.30
C ILE B 126 2.01 -22.35 8.29
N ARG B 127 1.59 -22.29 7.03
CA ARG B 127 2.10 -23.17 5.97
C ARG B 127 2.69 -22.32 4.86
N TRP B 128 3.78 -22.79 4.28
CA TRP B 128 4.25 -22.16 3.02
C TRP B 128 5.03 -23.18 2.20
N ARG B 129 5.12 -22.93 0.90
CA ARG B 129 5.94 -23.76 0.00
C ARG B 129 7.30 -23.07 -0.19
N LEU B 130 8.33 -23.86 -0.47
CA LEU B 130 9.63 -23.33 -0.94
C LEU B 130 9.77 -23.58 -2.43
N VAL B 131 10.25 -22.57 -3.13
CA VAL B 131 10.60 -22.63 -4.57
C VAL B 131 12.12 -22.60 -4.65
N ASP B 132 12.70 -23.54 -5.40
CA ASP B 132 14.17 -23.64 -5.58
C ASP B 132 14.53 -22.72 -6.74
N GLN B 133 15.03 -21.53 -6.44
CA GLN B 133 15.22 -20.50 -7.48
C GLN B 133 16.44 -20.86 -8.34
N ALA B 134 17.25 -21.86 -7.97
CA ALA B 134 18.41 -22.32 -8.80
C ALA B 134 17.94 -23.35 -9.83
N SER B 135 16.68 -23.80 -9.75
CA SER B 135 16.22 -24.95 -10.57
C SER B 135 15.67 -24.46 -11.92
N GLY B 136 15.44 -23.15 -12.06
CA GLY B 136 14.75 -22.58 -13.23
C GLY B 136 13.33 -23.10 -13.34
N SER B 137 12.75 -23.49 -12.22
CA SER B 137 11.33 -23.90 -12.14
C SER B 137 10.71 -23.22 -10.92
N VAL B 138 9.46 -22.78 -11.03
CA VAL B 138 8.70 -22.20 -9.87
C VAL B 138 7.92 -23.32 -9.16
N ALA B 139 7.93 -24.55 -9.67
CA ALA B 139 7.26 -25.67 -8.99
C ALA B 139 7.89 -25.77 -7.62
N PRO B 140 7.08 -25.83 -6.54
CA PRO B 140 7.65 -25.91 -5.20
C PRO B 140 8.39 -27.23 -5.01
N THR B 141 9.51 -27.18 -4.28
CA THR B 141 10.34 -28.35 -3.92
C THR B 141 10.03 -28.79 -2.50
N HIS B 142 9.58 -27.89 -1.64
CA HIS B 142 9.29 -28.24 -0.22
C HIS B 142 7.95 -27.68 0.22
N ASP B 143 7.29 -28.45 1.09
CA ASP B 143 6.09 -28.06 1.86
C ASP B 143 6.53 -27.76 3.30
N CYS B 144 6.28 -26.55 3.79
CA CYS B 144 6.63 -26.15 5.18
C CYS B 144 5.35 -25.93 5.98
N SER B 145 5.39 -26.36 7.25
CA SER B 145 4.33 -26.09 8.23
C SER B 145 5.00 -25.68 9.52
N ALA B 146 4.43 -24.70 10.20
CA ALA B 146 5.05 -24.13 11.39
C ALA B 146 3.96 -23.86 12.41
N VAL B 147 4.42 -23.77 13.63
CA VAL B 147 3.59 -23.50 14.82
C VAL B 147 4.34 -22.41 15.58
N PHE B 148 3.65 -21.43 16.13
CA PHE B 148 4.27 -20.53 17.12
C PHE B 148 4.39 -21.27 18.45
N ASP B 149 5.61 -21.46 18.94
CA ASP B 149 5.93 -21.93 20.31
C ASP B 149 5.92 -20.70 21.24
N GLU B 150 5.02 -20.66 22.24
CA GLU B 150 4.69 -19.45 23.04
C GLU B 150 4.87 -19.66 24.56
N ASP B 160 10.71 -12.39 20.58
CA ASP B 160 9.83 -11.68 19.61
C ASP B 160 8.96 -12.68 18.81
N GLY B 161 9.05 -13.98 19.09
CA GLY B 161 8.36 -15.05 18.35
C GLY B 161 9.33 -16.16 18.00
N THR B 162 8.89 -17.40 18.17
CA THR B 162 9.65 -18.63 17.80
C THR B 162 8.74 -19.52 16.96
N LEU B 163 9.22 -19.94 15.81
CA LEU B 163 8.48 -20.89 14.97
C LEU B 163 9.17 -22.23 15.08
N SER B 164 8.38 -23.27 15.28
CA SER B 164 8.84 -24.67 15.26
C SER B 164 8.14 -25.37 14.10
N GLY B 165 8.86 -25.92 13.14
CA GLY B 165 8.21 -26.36 11.90
C GLY B 165 8.71 -27.68 11.39
N ARG B 166 7.98 -28.21 10.40
CA ARG B 166 8.30 -29.43 9.63
C ARG B 166 8.45 -29.02 8.16
N ILE B 167 9.48 -29.53 7.50
CA ILE B 167 9.65 -29.44 6.03
C ILE B 167 9.54 -30.86 5.46
N GLN B 168 8.75 -31.02 4.41
CA GLN B 168 8.69 -32.26 3.60
C GLN B 168 9.24 -31.95 2.21
N ARG B 169 10.08 -32.84 1.68
CA ARG B 169 10.52 -32.75 0.27
C ARG B 169 9.35 -33.21 -0.59
N LEU B 170 9.03 -32.50 -1.68
CA LEU B 170 7.89 -32.88 -2.55
C LEU B 170 8.32 -33.91 -3.60
N GLU B 171 9.62 -34.15 -3.80
CA GLU B 171 10.22 -35.28 -4.60
C GLU B 171 9.85 -36.67 -4.04
N ARG B 172 9.73 -36.81 -2.71
CA ARG B 172 9.46 -38.08 -1.97
C ARG B 172 8.02 -38.09 -1.41
N SER B 173 7.30 -39.21 -1.43
CA SER B 173 5.84 -39.27 -1.08
C SER B 173 5.63 -39.66 0.40
N PRO B 174 4.56 -39.15 1.08
CA PRO B 174 4.40 -39.34 2.54
C PRO B 174 3.82 -40.70 2.97
N ASN B 178 8.75 -42.22 6.60
CA ASN B 178 8.59 -40.80 7.01
C ASN B 178 9.97 -40.21 7.38
N GLU B 179 10.27 -38.97 6.94
CA GLU B 179 11.58 -38.28 7.12
C GLU B 179 11.52 -37.37 8.35
N ASP B 180 12.65 -37.17 9.04
CA ASP B 180 12.76 -36.32 10.25
C ASP B 180 13.43 -35.00 9.84
N PHE B 181 12.62 -34.02 9.46
CA PHE B 181 13.05 -32.76 8.81
C PHE B 181 12.29 -31.63 9.47
N ARG B 182 12.94 -31.00 10.44
CA ARG B 182 12.32 -29.93 11.25
C ARG B 182 13.24 -28.70 11.19
N PHE B 183 12.72 -27.61 11.73
CA PHE B 183 13.43 -26.33 11.82
C PHE B 183 12.85 -25.60 13.02
N VAL B 184 13.69 -24.72 13.54
CA VAL B 184 13.31 -23.68 14.52
C VAL B 184 13.74 -22.33 13.93
N ALA B 185 12.84 -21.37 14.03
CA ALA B 185 13.07 -19.98 13.57
C ALA B 185 12.81 -19.06 14.76
N VAL B 186 13.80 -18.27 15.12
CA VAL B 186 13.70 -17.24 16.19
C VAL B 186 13.67 -15.85 15.53
N LYS B 187 12.61 -15.10 15.76
CA LYS B 187 12.48 -13.75 15.17
C LYS B 187 13.58 -12.86 15.77
N ARG B 188 14.30 -12.13 14.93
CA ARG B 188 15.34 -11.22 15.42
C ARG B 188 14.66 -10.01 16.06
N HIS B 189 15.20 -9.61 17.21
CA HIS B 189 14.89 -8.40 17.99
C HIS B 189 14.83 -7.21 17.02
N PHE B 190 13.81 -6.38 17.15
CA PHE B 190 13.72 -5.07 16.44
C PHE B 190 14.53 -4.06 17.23
N PRO B 191 15.74 -3.65 16.75
CA PRO B 191 16.60 -2.85 17.62
C PRO B 191 15.93 -1.51 17.99
N LEU B 192 16.19 -1.08 19.23
CA LEU B 192 15.69 0.18 19.78
C LEU B 192 16.57 1.31 19.24
N ALA B 193 16.01 2.51 19.20
CA ALA B 193 16.74 3.69 18.70
C ALA B 193 18.04 3.89 19.52
N HIS B 194 18.01 3.67 20.84
CA HIS B 194 19.21 3.95 21.69
C HIS B 194 20.31 2.93 21.40
N GLU B 195 19.99 1.79 20.79
CA GLU B 195 20.97 0.78 20.35
C GLU B 195 21.58 1.15 19.00
N ARG B 196 21.19 2.29 18.41
CA ARG B 196 21.62 2.65 17.02
C ARG B 196 22.07 4.10 16.96
N ILE B 197 21.51 4.99 17.76
CA ILE B 197 21.99 6.40 17.94
C ILE B 197 22.43 6.56 19.40
N VAL B 198 23.72 6.74 19.63
CA VAL B 198 24.25 6.86 21.02
C VAL B 198 24.20 8.33 21.40
N LEU B 199 23.44 8.67 22.45
CA LEU B 199 23.52 10.00 23.09
C LEU B 199 24.73 9.96 24.04
N ASN B 200 25.57 10.99 24.04
CA ASN B 200 26.82 10.91 24.85
C ASN B 200 26.48 11.06 26.34
N GLU B 201 27.44 10.78 27.21
CA GLU B 201 27.27 10.67 28.68
C GLU B 201 26.80 12.02 29.25
N LYS B 202 27.28 13.13 28.71
CA LYS B 202 26.94 14.49 29.21
C LYS B 202 25.50 14.83 28.82
N LEU B 203 25.09 14.63 27.55
CA LEU B 203 23.67 14.85 27.16
C LEU B 203 22.78 13.91 27.95
N LEU B 204 23.13 12.63 28.00
CA LEU B 204 22.24 11.63 28.63
C LEU B 204 22.06 11.99 30.11
N GLY B 205 23.13 12.42 30.79
CA GLY B 205 23.11 12.82 32.21
C GLY B 205 22.10 13.94 32.47
N TRP B 206 22.09 14.95 31.60
CA TRP B 206 21.10 16.05 31.67
C TRP B 206 19.68 15.52 31.45
N LEU B 207 19.50 14.69 30.40
CA LEU B 207 18.17 14.21 29.98
C LEU B 207 17.54 13.33 31.06
N VAL B 208 18.28 12.41 31.68
CA VAL B 208 17.67 11.38 32.55
C VAL B 208 17.45 11.90 33.97
N SER B 209 18.03 13.06 34.32
CA SER B 209 17.98 13.64 35.68
C SER B 209 16.52 13.80 36.12
N PRO B 210 16.24 13.55 37.41
CA PRO B 210 14.90 13.82 37.96
C PRO B 210 14.38 15.23 37.66
N GLN B 211 15.22 16.25 37.77
CA GLN B 211 14.77 17.65 37.59
C GLN B 211 14.30 17.79 36.13
N HIS B 212 15.02 17.24 35.15
CA HIS B 212 14.67 17.40 33.71
C HIS B 212 13.44 16.56 33.36
N ARG B 213 13.36 15.32 33.83
CA ARG B 213 12.20 14.45 33.52
C ARG B 213 10.95 15.07 34.11
N LEU B 214 11.00 15.47 35.37
CA LEU B 214 9.82 16.08 36.05
C LEU B 214 9.46 17.39 35.36
N PHE B 215 10.45 18.19 34.96
CA PHE B 215 10.23 19.50 34.31
C PHE B 215 9.46 19.25 32.99
N HIS B 216 9.95 18.30 32.22
CA HIS B 216 9.40 18.05 30.87
C HIS B 216 7.95 17.59 31.04
N GLN B 217 7.69 16.69 31.98
CA GLN B 217 6.34 16.15 32.26
C GLN B 217 5.43 17.25 32.78
N LEU B 218 5.92 18.06 33.70
CA LEU B 218 5.03 19.05 34.37
C LEU B 218 4.76 20.19 33.39
N TRP B 219 5.77 20.63 32.65
CA TRP B 219 5.56 21.70 31.63
C TRP B 219 4.35 21.34 30.74
N HIS B 220 4.29 20.09 30.28
CA HIS B 220 3.22 19.58 29.40
C HIS B 220 1.94 19.49 30.21
N ALA B 221 1.99 18.94 31.43
CA ALA B 221 0.79 18.56 32.17
C ALA B 221 0.06 19.83 32.57
N SER B 222 0.79 20.81 33.10
CA SER B 222 0.21 22.11 33.48
C SER B 222 -0.60 22.68 32.31
N ARG B 223 0.00 22.90 31.15
CA ARG B 223 -0.72 23.57 30.01
C ARG B 223 -1.74 22.61 29.37
N ASP B 224 -1.52 21.30 29.41
CA ASP B 224 -2.46 20.32 28.82
C ASP B 224 -3.71 20.19 29.69
N LYS B 225 -3.56 20.31 31.01
CA LYS B 225 -4.70 20.01 31.92
C LYS B 225 -5.40 21.31 32.35
N TRP B 226 -4.75 22.47 32.15
CA TRP B 226 -5.23 23.76 32.69
C TRP B 226 -6.73 23.93 32.49
N HIS B 227 -7.25 23.78 31.28
CA HIS B 227 -8.66 24.14 30.94
C HIS B 227 -9.65 23.30 31.75
N ARG B 228 -9.22 22.21 32.40
CA ARG B 228 -10.13 21.26 33.07
C ARG B 228 -9.89 21.28 34.59
N LEU B 229 -8.89 22.03 35.06
CA LEU B 229 -8.52 22.12 36.49
C LEU B 229 -9.48 23.10 37.19
N SER B 230 -10.02 22.72 38.35
CA SER B 230 -10.77 23.62 39.27
C SER B 230 -9.94 24.87 39.57
N GLU B 231 -10.59 25.95 40.03
CA GLU B 231 -9.90 27.18 40.48
C GLU B 231 -8.96 26.84 41.66
N LYS B 232 -9.32 25.85 42.49
CA LYS B 232 -8.47 25.44 43.65
C LYS B 232 -7.13 24.90 43.13
N GLN B 233 -7.18 23.99 42.14
CA GLN B 233 -5.97 23.44 41.49
C GLN B 233 -5.16 24.57 40.89
N ARG B 234 -5.82 25.46 40.15
CA ARG B 234 -5.12 26.57 39.46
C ARG B 234 -4.39 27.45 40.47
N ASN B 235 -5.08 27.86 41.54
CA ASN B 235 -4.45 28.72 42.57
C ASN B 235 -3.31 27.97 43.26
N ALA B 236 -3.45 26.65 43.47
CA ALA B 236 -2.34 25.83 44.03
C ALA B 236 -1.14 25.87 43.08
N LEU B 237 -1.36 25.72 41.76
CA LEU B 237 -0.22 25.81 40.80
C LEU B 237 0.33 27.24 40.77
N ARG B 238 -0.54 28.24 40.71
CA ARG B 238 -0.11 29.66 40.82
C ARG B 238 0.81 29.79 42.04
N GLY B 239 0.43 29.16 43.17
CA GLY B 239 1.15 29.26 44.46
C GLY B 239 2.59 28.81 44.34
N VAL B 240 2.90 27.88 43.41
CA VAL B 240 4.27 27.31 43.26
C VAL B 240 4.89 27.73 41.92
N GLY B 241 4.35 28.78 41.27
CA GLY B 241 4.88 29.37 40.04
C GLY B 241 4.78 28.42 38.84
N TRP B 242 3.84 27.47 38.82
CA TRP B 242 3.75 26.44 37.73
C TRP B 242 2.54 26.65 36.84
N GLN B 243 1.84 27.78 36.95
CA GLN B 243 0.76 28.09 36.01
C GLN B 243 1.38 28.26 34.62
N PRO B 244 0.68 27.80 33.56
CA PRO B 244 1.22 27.83 32.20
C PRO B 244 1.13 29.22 31.57
N GLY B 245 2.14 30.04 31.85
CA GLY B 245 2.27 31.42 31.34
C GLY B 245 1.85 32.45 32.37
N PRO B 246 1.50 33.68 31.92
CA PRO B 246 1.31 34.80 32.83
C PRO B 246 0.11 34.61 33.76
N LEU B 247 0.34 35.01 35.01
CA LEU B 247 -0.61 34.86 36.12
C LEU B 247 -1.95 35.47 35.73
N ASP B 248 -3.03 34.69 35.83
CA ASP B 248 -4.44 35.02 35.48
C ASP B 248 -4.64 35.27 33.97
N ARG B 249 -3.62 35.12 33.14
CA ARG B 249 -3.75 35.10 31.67
C ARG B 249 -3.07 33.84 31.12
N GLU B 250 -3.30 32.69 31.76
CA GLU B 250 -2.55 31.46 31.43
C GLU B 250 -2.93 31.00 30.02
N ARG B 251 -2.00 30.33 29.37
CA ARG B 251 -2.18 29.82 28.00
C ARG B 251 -2.37 28.31 28.05
N ASP B 252 -3.61 27.91 28.31
CA ASP B 252 -3.99 26.49 28.22
C ASP B 252 -3.74 26.00 26.78
N ALA B 253 -3.27 24.76 26.64
CA ALA B 253 -2.87 24.21 25.33
C ALA B 253 -4.05 23.49 24.69
N ARG B 254 -5.09 23.17 25.46
CA ARG B 254 -6.11 22.23 24.97
C ARG B 254 -7.50 22.75 25.28
N GLY B 255 -7.66 23.98 25.77
CA GLY B 255 -9.00 24.56 25.93
C GLY B 255 -9.63 25.03 24.60
N PRO B 256 -10.89 25.50 24.67
CA PRO B 256 -11.58 26.03 23.50
C PRO B 256 -10.87 27.14 22.71
N ARG B 257 -9.96 27.89 23.34
CA ARG B 257 -9.27 29.07 22.73
C ARG B 257 -7.80 28.72 22.42
N LYS B 258 -7.46 27.45 22.48
CA LYS B 258 -6.09 26.89 22.31
C LYS B 258 -5.42 27.43 21.03
N ASP B 259 -6.15 27.59 19.93
CA ASP B 259 -5.56 28.09 18.66
C ASP B 259 -5.28 29.60 18.71
N ARG B 260 -5.97 30.35 19.57
CA ARG B 260 -5.97 31.84 19.56
C ARG B 260 -5.27 32.45 20.79
N ASN B 261 -4.95 31.67 21.83
CA ASN B 261 -4.46 32.26 23.11
C ASN B 261 -2.94 32.28 23.12
N ALA B 262 -2.29 31.97 22.01
CA ALA B 262 -0.81 31.97 21.85
C ALA B 262 -0.13 30.76 22.53
N SER B 263 -0.87 29.78 23.03
CA SER B 263 -0.27 28.56 23.63
C SER B 263 0.72 27.89 22.66
N GLY B 264 0.48 27.99 21.34
CA GLY B 264 1.35 27.45 20.27
C GLY B 264 2.76 28.02 20.32
N ILE B 265 2.90 29.28 20.72
CA ILE B 265 4.23 29.96 20.85
C ILE B 265 5.01 29.30 21.97
N ASP B 266 4.36 28.97 23.10
CA ASP B 266 4.99 28.23 24.23
C ASP B 266 5.51 26.89 23.71
N PHE B 267 4.69 26.21 22.91
CA PHE B 267 5.03 24.89 22.35
C PHE B 267 6.31 25.05 21.56
N PHE B 268 6.31 25.94 20.57
CA PHE B 268 7.46 26.06 19.67
C PHE B 268 8.69 26.51 20.48
N PHE B 269 8.52 27.47 21.37
CA PHE B 269 9.68 28.15 22.02
C PHE B 269 10.36 27.20 23.01
N MET B 270 9.59 26.52 23.84
CA MET B 270 10.18 25.62 24.86
C MET B 270 10.98 24.53 24.14
N HIS B 271 10.44 23.97 23.04
CA HIS B 271 11.17 22.90 22.31
C HIS B 271 12.43 23.47 21.65
N ARG B 272 12.40 24.71 21.15
CA ARG B 272 13.57 25.31 20.48
C ARG B 272 14.67 25.56 21.53
N HIS B 273 14.28 26.05 22.70
CA HIS B 273 15.17 26.24 23.87
C HIS B 273 15.79 24.89 24.25
N MET B 274 14.98 23.84 24.35
CA MET B 274 15.49 22.48 24.66
C MET B 274 16.50 22.07 23.60
N LEU B 275 16.18 22.28 22.33
CA LEU B 275 17.05 21.87 21.20
C LEU B 275 18.40 22.57 21.33
N HIS B 276 18.36 23.88 21.59
CA HIS B 276 19.56 24.73 21.79
C HIS B 276 20.44 24.11 22.88
N THR B 277 19.90 23.78 24.05
CA THR B 277 20.68 23.17 25.15
C THR B 277 21.19 21.79 24.75
N ALA B 278 20.35 20.96 24.14
CA ALA B 278 20.77 19.60 23.74
C ALA B 278 21.92 19.73 22.75
N ARG B 279 21.81 20.70 21.84
CA ARG B 279 22.77 20.80 20.71
C ARG B 279 24.11 21.35 21.18
N SER B 280 24.21 21.98 22.35
CA SER B 280 25.52 22.42 22.92
C SER B 280 26.33 21.20 23.36
N MET B 281 25.68 20.09 23.70
CA MET B 281 26.32 18.86 24.25
C MET B 281 26.55 17.82 23.14
N GLN B 282 25.81 17.86 22.05
CA GLN B 282 25.94 16.81 21.01
C GLN B 282 25.37 17.32 19.69
N ASP B 283 26.00 16.94 18.59
CA ASP B 283 25.40 17.17 17.26
C ASP B 283 24.10 16.37 17.15
N LEU B 284 22.96 17.04 17.01
CA LEU B 284 21.64 16.39 16.85
C LEU B 284 20.94 17.03 15.65
N PRO B 285 21.33 16.67 14.33
CA PRO B 285 20.91 17.10 12.77
C PRO B 285 19.41 16.83 12.89
N SER B 286 18.62 17.74 12.35
CA SER B 286 17.17 17.51 12.24
C SER B 286 16.94 16.51 11.10
N TRP B 287 15.77 15.87 11.10
CA TRP B 287 15.37 15.13 9.89
C TRP B 287 15.16 16.19 8.80
N GLU B 288 15.64 15.97 7.59
CA GLU B 288 15.38 16.93 6.49
C GLU B 288 14.00 16.58 5.93
N ARG B 289 13.78 15.30 5.75
CA ARG B 289 12.56 14.64 5.23
C ARG B 289 12.12 13.60 6.25
N LEU B 290 10.81 13.38 6.36
CA LEU B 290 10.30 12.33 7.25
C LEU B 290 10.72 11.02 6.60
N PRO B 291 11.21 10.06 7.41
CA PRO B 291 11.49 8.71 6.95
C PRO B 291 10.25 8.08 6.33
N ARG B 292 10.46 7.44 5.20
CA ARG B 292 9.41 6.72 4.46
C ARG B 292 9.20 5.37 5.13
N PRO B 293 8.00 4.77 4.93
CA PRO B 293 7.74 3.42 5.40
C PRO B 293 8.72 2.44 4.75
N VAL B 294 8.92 1.31 5.39
CA VAL B 294 9.76 0.21 4.84
C VAL B 294 9.35 -0.08 3.39
N VAL B 295 10.34 -0.27 2.53
CA VAL B 295 10.11 -0.69 1.13
C VAL B 295 9.64 -2.14 1.23
N PRO B 296 8.59 -2.54 0.50
CA PRO B 296 8.14 -3.92 0.58
C PRO B 296 9.23 -4.86 0.05
N LEU B 297 9.24 -6.06 0.63
CA LEU B 297 10.19 -7.14 0.28
C LEU B 297 10.15 -7.42 -1.23
N GLU B 298 8.97 -7.40 -1.82
CA GLU B 298 8.73 -7.66 -3.27
C GLU B 298 9.63 -6.80 -4.16
N TYR B 299 9.99 -5.57 -3.75
CA TYR B 299 10.61 -4.54 -4.61
C TYR B 299 12.10 -4.32 -4.28
N ASP B 300 12.49 -4.45 -3.01
CA ASP B 300 13.89 -4.20 -2.57
C ASP B 300 14.14 -5.09 -1.36
N ARG B 301 14.60 -6.31 -1.60
CA ARG B 301 14.79 -7.33 -0.55
C ARG B 301 15.86 -6.86 0.45
N PRO B 302 17.07 -6.40 0.03
CA PRO B 302 18.05 -5.91 1.00
C PRO B 302 17.60 -4.68 1.80
N GLY B 303 16.91 -3.73 1.17
CA GLY B 303 16.34 -2.56 1.86
C GLY B 303 15.33 -2.97 2.91
N PHE B 304 14.49 -3.95 2.60
CA PHE B 304 13.45 -4.47 3.52
C PHE B 304 14.15 -5.07 4.73
N ILE B 305 15.12 -5.93 4.48
CA ILE B 305 15.83 -6.65 5.58
C ILE B 305 16.51 -5.60 6.46
N ARG B 306 17.27 -4.68 5.87
CA ARG B 306 17.99 -3.62 6.62
C ARG B 306 17.01 -2.89 7.53
N TYR B 307 15.82 -2.57 7.03
CA TYR B 307 14.84 -1.75 7.79
C TYR B 307 14.67 -2.35 9.20
N PHE B 308 14.59 -3.68 9.27
CA PHE B 308 14.34 -4.44 10.52
C PHE B 308 15.58 -4.49 11.42
N ASP B 309 16.71 -3.97 10.96
CA ASP B 309 17.92 -3.77 11.80
C ASP B 309 17.93 -2.33 12.31
N ASN B 310 16.93 -1.54 11.95
CA ASN B 310 16.81 -0.12 12.35
C ASN B 310 18.20 0.52 12.30
N PRO B 311 18.87 0.55 11.14
CA PRO B 311 20.30 0.91 11.07
C PRO B 311 20.59 2.38 11.41
N ASP B 312 19.64 3.26 11.17
CA ASP B 312 19.79 4.69 11.44
C ASP B 312 18.93 5.06 12.65
N GLY B 313 18.25 4.11 13.30
CA GLY B 313 17.42 4.41 14.48
C GLY B 313 16.08 5.05 14.13
N PHE B 314 15.76 5.13 12.85
CA PHE B 314 14.58 5.84 12.32
C PHE B 314 13.54 4.89 11.72
N SER B 315 13.75 3.58 11.77
CA SER B 315 12.69 2.60 11.40
C SER B 315 11.55 2.76 12.40
N VAL B 316 10.34 2.54 11.95
CA VAL B 316 9.11 2.59 12.79
C VAL B 316 9.02 1.27 13.55
N PRO B 317 9.08 1.29 14.90
CA PRO B 317 9.00 0.05 15.67
C PRO B 317 7.62 -0.54 15.42
N PRO B 318 7.47 -1.85 15.13
CA PRO B 318 6.16 -2.41 14.82
C PRO B 318 5.15 -2.14 15.94
N ALA B 319 3.89 -1.96 15.56
CA ALA B 319 2.77 -1.78 16.52
C ALA B 319 2.73 -2.99 17.45
N TRP B 320 2.38 -2.76 18.70
CA TRP B 320 2.12 -3.88 19.62
C TRP B 320 0.61 -3.92 19.90
N VAL B 321 0.13 -5.08 20.34
CA VAL B 321 -1.28 -5.33 20.67
C VAL B 321 -1.47 -4.97 22.13
N ALA B 322 -2.39 -4.07 22.43
CA ALA B 322 -2.74 -3.73 23.81
C ALA B 322 -3.80 -4.75 24.23
N VAL B 323 -3.41 -5.61 25.16
CA VAL B 323 -4.31 -6.61 25.78
C VAL B 323 -5.55 -5.86 26.30
N ASP B 324 -6.74 -6.24 25.82
CA ASP B 324 -8.06 -5.75 26.31
C ASP B 324 -8.23 -4.27 25.94
N ASP B 325 -7.65 -3.80 24.85
CA ASP B 325 -7.84 -2.40 24.40
C ASP B 325 -7.68 -2.39 22.89
N ASP B 326 -8.74 -2.79 22.20
CA ASP B 326 -8.80 -2.96 20.74
C ASP B 326 -8.73 -1.59 20.09
N GLU B 327 -9.42 -0.61 20.66
CA GLU B 327 -9.45 0.77 20.15
C GLU B 327 -8.01 1.30 20.11
N TYR B 328 -7.26 1.14 21.20
CA TYR B 328 -5.87 1.63 21.27
C TYR B 328 -5.03 0.87 20.25
N SER B 329 -5.22 -0.44 20.18
CA SER B 329 -4.44 -1.35 19.32
C SER B 329 -4.61 -0.90 17.86
N GLU B 330 -5.83 -0.66 17.44
CA GLU B 330 -6.21 -0.23 16.08
C GLU B 330 -5.61 1.16 15.81
N TRP B 331 -5.81 2.09 16.73
CA TRP B 331 -5.28 3.48 16.64
C TRP B 331 -3.78 3.46 16.43
N LEU B 332 -3.04 2.73 17.26
CA LEU B 332 -1.56 2.67 17.20
C LEU B 332 -1.09 2.03 15.89
N HIS B 333 -1.75 0.95 15.51
CA HIS B 333 -1.42 0.22 14.27
C HIS B 333 -1.62 1.16 13.08
N GLY B 334 -2.75 1.87 13.08
CA GLY B 334 -3.06 2.93 12.12
C GLY B 334 -1.91 3.89 11.99
N LEU B 335 -1.45 4.48 13.10
CA LEU B 335 -0.52 5.62 12.93
C LEU B 335 0.89 5.14 12.61
N LYS B 336 1.22 3.87 12.80
CA LYS B 336 2.53 3.28 12.40
C LYS B 336 2.48 2.74 10.96
N SER B 337 1.33 2.81 10.29
CA SER B 337 1.15 2.19 8.96
C SER B 337 1.65 3.10 7.84
N ALA B 338 1.90 2.51 6.67
CA ALA B 338 2.22 3.22 5.42
C ALA B 338 1.05 4.14 5.08
N GLU B 339 -0.18 3.63 5.16
CA GLU B 339 -1.38 4.44 4.88
C GLU B 339 -1.33 5.75 5.67
N ALA B 340 -0.97 5.73 6.94
CA ALA B 340 -0.89 6.94 7.77
C ALA B 340 0.22 7.81 7.25
N TYR B 341 1.33 7.23 6.82
CA TYR B 341 2.41 8.03 6.18
C TYR B 341 1.82 8.83 5.01
N HIS B 342 1.11 8.18 4.09
CA HIS B 342 0.60 8.86 2.86
C HIS B 342 -0.66 9.73 3.13
N ALA B 343 -1.44 9.41 4.15
CA ALA B 343 -2.71 10.10 4.45
C ALA B 343 -2.49 11.26 5.44
N ASN B 344 -1.52 11.17 6.34
CA ASN B 344 -1.38 12.19 7.42
C ASN B 344 0.03 12.79 7.39
N PHE B 345 1.07 11.99 7.52
CA PHE B 345 2.44 12.53 7.78
C PHE B 345 2.96 13.27 6.56
N LEU B 346 2.74 12.73 5.36
CA LEU B 346 3.22 13.36 4.12
C LEU B 346 2.45 14.66 3.92
N VAL B 347 1.16 14.68 4.28
CA VAL B 347 0.31 15.90 4.22
C VAL B 347 0.95 16.98 5.13
N TRP B 348 1.26 16.61 6.37
CA TRP B 348 1.93 17.55 7.31
C TRP B 348 3.26 18.00 6.72
N GLU B 349 4.00 17.08 6.12
CA GLU B 349 5.34 17.39 5.58
C GLU B 349 5.19 18.46 4.48
N SER B 350 4.16 18.35 3.64
CA SER B 350 3.86 19.31 2.56
C SER B 350 3.34 20.64 3.11
N GLN B 351 2.24 20.63 3.90
CA GLN B 351 1.57 21.85 4.40
C GLN B 351 2.57 22.72 5.16
N TYR B 352 3.41 22.11 6.00
CA TYR B 352 4.29 22.87 6.93
C TYR B 352 5.57 23.29 6.19
N GLN B 353 5.63 23.06 4.87
CA GLN B 353 6.66 23.65 4.00
C GLN B 353 5.97 24.36 2.83
N ASP B 354 4.67 24.60 2.93
CA ASP B 354 3.87 25.30 1.90
C ASP B 354 3.74 26.78 2.29
N PRO B 355 4.46 27.71 1.62
CA PRO B 355 4.38 29.14 1.99
C PRO B 355 2.95 29.72 2.10
N ALA B 356 2.06 29.44 1.14
CA ALA B 356 0.66 29.91 1.17
C ALA B 356 -0.08 29.33 2.37
N TYR B 357 0.19 28.09 2.78
CA TYR B 357 -0.46 27.49 3.97
C TYR B 357 -0.03 28.22 5.26
N LEU B 358 1.28 28.39 5.42
CA LEU B 358 1.92 28.92 6.64
C LEU B 358 1.60 30.42 6.76
N ALA B 359 1.54 31.13 5.64
CA ALA B 359 1.24 32.59 5.60
C ALA B 359 -0.16 32.88 6.14
N LYS B 360 -1.06 31.89 6.27
CA LYS B 360 -2.42 32.13 6.85
C LYS B 360 -2.40 32.04 8.40
N LEU B 361 -1.25 31.74 9.01
CA LEU B 361 -1.19 31.36 10.44
C LEU B 361 -0.31 32.34 11.21
N THR B 362 -0.79 32.80 12.37
CA THR B 362 0.07 33.35 13.45
C THR B 362 0.98 32.23 13.97
N LEU B 363 2.09 32.59 14.61
CA LEU B 363 3.02 31.61 15.19
C LEU B 363 2.23 30.79 16.21
N GLY B 364 1.30 31.42 16.91
CA GLY B 364 0.44 30.73 17.89
C GLY B 364 -0.44 29.70 17.22
N GLN B 365 -1.09 30.07 16.13
CA GLN B 365 -2.03 29.17 15.43
C GLN B 365 -1.23 27.96 14.92
N PHE B 366 -0.04 28.23 14.38
CA PHE B 366 0.82 27.21 13.78
C PHE B 366 1.23 26.23 14.87
N GLY B 367 1.72 26.74 16.00
CA GLY B 367 2.24 25.91 17.10
C GLY B 367 1.13 25.02 17.60
N SER B 368 -0.04 25.57 17.82
CA SER B 368 -1.19 24.79 18.35
C SER B 368 -1.55 23.70 17.33
N GLU B 369 -1.70 24.06 16.07
CA GLU B 369 -2.08 23.10 15.00
C GLU B 369 -1.05 21.95 14.95
N LEU B 370 0.24 22.27 14.92
CA LEU B 370 1.26 21.23 14.74
C LEU B 370 1.36 20.38 16.01
N GLU B 371 1.36 20.99 17.18
CA GLU B 371 1.39 20.20 18.43
C GLU B 371 0.21 19.22 18.45
N LEU B 372 -1.03 19.69 18.31
CA LEU B 372 -2.22 18.85 18.60
C LEU B 372 -2.39 17.75 17.54
N GLY B 373 -1.84 17.90 16.34
CA GLY B 373 -1.96 16.85 15.33
C GLY B 373 -0.67 16.06 15.23
N MET B 374 0.28 16.64 14.52
CA MET B 374 1.51 15.96 14.07
C MET B 374 2.33 15.53 15.28
N HIS B 375 2.52 16.42 16.24
CA HIS B 375 3.52 16.19 17.32
C HIS B 375 3.16 14.92 18.09
N ASP B 376 1.93 14.76 18.54
CA ASP B 376 1.53 13.57 19.33
C ASP B 376 1.69 12.30 18.44
N TRP B 377 1.42 12.39 17.14
CA TRP B 377 1.50 11.25 16.19
C TRP B 377 2.95 10.87 15.92
N LEU B 378 3.86 11.85 15.82
CA LEU B 378 5.34 11.58 15.70
C LEU B 378 5.80 10.72 16.90
N HIS B 379 5.37 11.08 18.12
CA HIS B 379 5.76 10.35 19.35
C HIS B 379 5.35 8.87 19.24
N MET B 380 4.08 8.60 18.96
CA MET B 380 3.55 7.24 19.00
C MET B 380 3.98 6.48 17.75
N ARG B 381 4.21 7.16 16.62
CA ARG B 381 4.67 6.42 15.41
C ARG B 381 6.07 5.87 15.66
N TRP B 382 6.94 6.63 16.31
CA TRP B 382 8.31 6.10 16.55
C TRP B 382 8.43 5.47 17.93
N ALA B 383 7.34 5.34 18.68
CA ALA B 383 7.40 4.72 20.03
C ALA B 383 7.64 3.21 19.92
N SER B 384 8.42 2.66 20.85
CA SER B 384 8.61 1.19 21.03
C SER B 384 8.14 0.82 22.44
N VAL B 385 7.81 -0.46 22.64
CA VAL B 385 7.90 -1.25 23.92
C VAL B 385 7.23 -0.44 25.04
N THR B 386 7.84 -0.36 26.23
CA THR B 386 7.59 0.66 27.29
C THR B 386 8.61 0.44 28.43
N THR B 397 3.21 -2.37 30.99
CA THR B 397 2.17 -1.33 31.16
C THR B 397 2.82 0.02 31.53
N ASP B 398 2.09 1.12 31.35
CA ASP B 398 2.67 2.47 31.25
C ASP B 398 2.68 3.13 32.63
N ARG B 399 3.69 3.96 32.90
CA ARG B 399 3.85 4.68 34.19
C ARG B 399 2.66 5.63 34.43
N PHE B 400 2.07 5.61 35.63
CA PHE B 400 1.04 6.58 36.08
C PHE B 400 1.71 7.96 36.20
N PRO B 401 1.08 9.06 35.73
CA PRO B 401 1.74 10.37 35.71
C PRO B 401 2.41 10.80 37.03
N ALA B 402 1.80 10.53 38.19
CA ALA B 402 2.32 10.92 39.52
C ALA B 402 3.02 9.75 40.22
N ASP B 403 3.45 8.73 39.47
CA ASP B 403 4.28 7.61 39.99
C ASP B 403 5.78 7.98 39.85
N PHE B 404 6.43 8.30 40.98
CA PHE B 404 7.87 8.66 41.05
C PHE B 404 8.69 7.58 41.76
N ALA B 405 8.34 6.31 41.53
CA ALA B 405 9.20 5.16 41.89
C ALA B 405 10.55 5.34 41.22
N PRO B 406 11.67 5.11 41.94
CA PRO B 406 13.02 5.28 41.39
C PRO B 406 13.33 4.63 40.03
N ARG B 407 12.71 3.49 39.72
CA ARG B 407 13.02 2.69 38.51
C ARG B 407 12.71 3.51 37.25
N TRP B 408 11.60 4.27 37.28
CA TRP B 408 11.20 5.18 36.18
C TRP B 408 12.28 6.22 35.86
N PHE B 409 13.21 6.53 36.76
CA PHE B 409 14.25 7.57 36.48
C PHE B 409 15.43 7.01 35.70
N ARG B 410 15.59 5.70 35.68
CA ARG B 410 16.78 5.03 35.05
C ARG B 410 16.86 5.35 33.56
N PRO B 411 18.10 5.45 33.01
CA PRO B 411 18.31 5.82 31.60
C PRO B 411 17.65 4.90 30.57
N GLU B 412 17.30 3.69 30.97
CA GLU B 412 16.59 2.70 30.12
C GLU B 412 15.22 3.28 29.80
N ASN B 413 14.66 4.12 30.66
CA ASN B 413 13.28 4.63 30.43
C ASN B 413 13.35 5.81 29.46
N ASP B 414 13.23 5.52 28.17
CA ASP B 414 13.20 6.52 27.06
C ASP B 414 11.92 6.31 26.24
N PHE B 415 10.87 5.82 26.86
CA PHE B 415 9.55 5.66 26.19
C PHE B 415 9.11 6.97 25.54
N LEU B 416 8.83 6.98 24.22
CA LEU B 416 8.38 8.20 23.50
C LEU B 416 6.97 8.63 23.88
N GLY B 417 6.18 7.75 24.50
CA GLY B 417 4.76 8.01 24.79
C GLY B 417 4.54 8.91 26.00
N ASP B 418 5.59 9.30 26.71
CA ASP B 418 5.45 10.00 28.02
C ASP B 418 6.53 11.08 28.10
N PRO B 419 6.16 12.36 28.32
CA PRO B 419 7.14 13.42 28.36
C PRO B 419 8.15 13.24 29.52
N PHE B 420 7.79 12.46 30.55
CA PHE B 420 8.72 12.06 31.62
C PHE B 420 9.95 11.39 31.00
N SER B 421 9.80 10.73 29.84
CA SER B 421 10.86 9.90 29.22
C SER B 421 11.14 10.21 27.73
N SER B 422 10.24 10.87 27.03
CA SER B 422 10.31 10.99 25.54
C SER B 422 11.63 11.63 25.14
N HIS B 423 12.05 12.69 25.84
CA HIS B 423 13.27 13.48 25.55
C HIS B 423 14.54 12.63 25.68
N VAL B 424 14.45 11.46 26.32
CA VAL B 424 15.63 10.57 26.46
C VAL B 424 15.79 9.77 25.17
N ASN B 425 14.71 9.54 24.44
CA ASN B 425 14.75 8.81 23.14
C ASN B 425 15.50 9.64 22.10
N PRO B 426 16.50 9.09 21.39
CA PRO B 426 17.23 9.88 20.41
C PRO B 426 16.38 10.41 19.25
N VAL B 427 15.35 9.67 18.81
CA VAL B 427 14.48 10.05 17.66
C VAL B 427 13.72 11.33 18.00
N PHE B 428 13.41 11.56 19.27
CA PHE B 428 12.83 12.83 19.76
C PHE B 428 13.55 14.04 19.17
N TRP B 429 14.89 14.03 19.16
CA TRP B 429 15.70 15.21 18.77
C TRP B 429 15.61 15.39 17.27
N SER B 430 15.59 14.30 16.53
CA SER B 430 15.47 14.33 15.05
C SER B 430 14.13 14.97 14.67
N PHE B 431 13.00 14.53 15.23
CA PHE B 431 11.70 15.07 14.74
C PHE B 431 11.43 16.43 15.41
N HIS B 432 11.90 16.71 16.62
CA HIS B 432 11.83 18.09 17.16
C HIS B 432 12.69 19.04 16.30
N GLY B 433 13.85 18.60 15.84
CA GLY B 433 14.67 19.38 14.91
C GLY B 433 13.84 19.74 13.68
N TRP B 434 13.15 18.74 13.13
CA TRP B 434 12.30 18.96 11.93
C TRP B 434 11.22 20.00 12.26
N ILE B 435 10.51 19.82 13.36
CA ILE B 435 9.41 20.76 13.73
C ILE B 435 10.02 22.16 13.82
N ASP B 436 11.17 22.27 14.49
CA ASP B 436 11.76 23.59 14.81
C ASP B 436 12.18 24.27 13.50
N ASP B 437 12.62 23.50 12.49
CA ASP B 437 13.04 24.07 11.18
C ASP B 437 11.85 24.66 10.43
N ARG B 438 10.63 24.17 10.69
CA ARG B 438 9.42 24.64 9.97
C ARG B 438 9.08 26.07 10.46
N ILE B 439 9.50 26.45 11.67
CA ILE B 439 9.35 27.85 12.13
C ILE B 439 10.03 28.78 11.11
N GLU B 440 11.17 28.37 10.56
CA GLU B 440 11.90 29.17 9.55
C GLU B 440 11.07 29.19 8.25
N ASP B 441 10.41 28.08 7.88
CA ASP B 441 9.50 28.09 6.70
C ASP B 441 8.40 29.12 6.94
N TRP B 442 7.87 29.17 8.16
CA TRP B 442 6.77 30.06 8.55
C TRP B 442 7.22 31.52 8.46
N TYR B 443 8.43 31.82 8.98
CA TYR B 443 9.03 33.16 8.89
C TYR B 443 9.19 33.53 7.40
N ARG B 444 9.79 32.66 6.59
CA ARG B 444 10.00 32.92 5.14
C ARG B 444 8.65 33.14 4.45
N ALA B 445 7.61 32.41 4.87
CA ALA B 445 6.25 32.53 4.29
C ALA B 445 5.76 33.95 4.53
N HIS B 446 5.81 34.43 5.77
CA HIS B 446 5.32 35.79 6.10
C HIS B 446 6.21 36.86 5.47
N GLU B 447 7.51 36.63 5.30
CA GLU B 447 8.41 37.61 4.67
C GLU B 447 8.07 37.72 3.18
N ARG B 448 7.61 36.63 2.55
CA ARG B 448 7.11 36.64 1.15
C ARG B 448 5.77 37.37 1.08
N PHE B 449 4.79 37.04 1.94
CA PHE B 449 3.39 37.52 1.78
C PHE B 449 3.11 38.80 2.60
N HIS B 450 3.92 39.08 3.63
CA HIS B 450 3.67 40.22 4.56
C HIS B 450 5.02 40.80 4.96
N PRO B 451 5.84 41.25 4.00
CA PRO B 451 7.21 41.64 4.29
C PRO B 451 7.24 42.65 5.44
N GLY B 452 8.13 42.42 6.39
CA GLY B 452 8.36 43.26 7.58
C GLY B 452 7.28 43.11 8.66
N GLU B 453 6.20 42.36 8.43
CA GLU B 453 5.14 42.21 9.47
C GLU B 453 5.58 41.28 10.60
N VAL B 454 6.58 40.43 10.35
CA VAL B 454 7.22 39.57 11.39
C VAL B 454 8.65 40.08 11.56
N GLN B 455 9.07 40.35 12.80
CA GLN B 455 10.44 40.85 13.08
C GLN B 455 11.14 39.81 13.93
N ARG B 456 12.40 39.50 13.64
CA ARG B 456 13.25 38.63 14.50
C ARG B 456 13.56 39.37 15.81
N ARG B 457 13.92 38.63 16.85
CA ARG B 457 14.28 39.15 18.20
C ARG B 457 14.85 37.99 19.02
N GLU B 458 15.97 38.22 19.70
CA GLU B 458 16.57 37.23 20.62
C GLU B 458 15.77 37.27 21.92
N VAL B 459 15.37 36.09 22.40
CA VAL B 459 14.52 35.92 23.61
C VAL B 459 15.07 34.75 24.43
N GLU B 460 15.37 34.98 25.70
CA GLU B 460 16.00 33.98 26.59
C GLU B 460 17.16 33.29 25.85
N GLY B 461 18.01 34.05 25.17
CA GLY B 461 19.23 33.52 24.53
C GLY B 461 18.91 32.77 23.24
N ILE B 462 17.68 32.82 22.76
CA ILE B 462 17.24 31.98 21.61
C ILE B 462 16.86 32.91 20.46
N GLN B 463 17.27 32.57 19.23
CA GLN B 463 16.78 33.27 18.02
C GLN B 463 15.26 33.11 18.00
N TRP B 464 14.51 34.22 17.94
CA TRP B 464 13.03 34.17 18.04
C TRP B 464 12.43 35.34 17.27
N PHE B 465 11.28 35.84 17.71
CA PHE B 465 10.44 36.78 16.94
C PHE B 465 9.84 37.76 17.93
N ALA B 466 9.69 39.00 17.48
CA ALA B 466 9.07 40.10 18.23
C ALA B 466 7.57 39.92 18.14
N PRO B 467 6.83 40.33 19.16
CA PRO B 467 5.39 40.38 19.04
C PRO B 467 4.99 41.32 17.89
N GLY B 468 3.86 41.01 17.28
CA GLY B 468 3.44 41.64 16.03
C GLY B 468 2.09 41.12 15.62
N ARG B 469 1.68 41.41 14.40
CA ARG B 469 0.40 40.95 13.81
C ARG B 469 0.43 39.40 13.79
N TRP B 470 1.59 38.76 13.67
CA TRP B 470 1.62 37.29 13.46
C TRP B 470 2.23 36.56 14.67
N VAL B 471 2.61 37.30 15.72
CA VAL B 471 3.23 36.75 16.95
C VAL B 471 2.49 37.35 18.14
N GLU B 472 1.51 36.63 18.68
CA GLU B 472 0.50 37.16 19.63
C GLU B 472 1.17 37.63 20.94
N VAL B 473 2.27 37.01 21.39
CA VAL B 473 2.88 37.39 22.69
C VAL B 473 4.38 37.40 22.51
N GLY B 474 5.08 38.01 23.46
CA GLY B 474 6.55 38.09 23.48
C GLY B 474 7.11 37.42 24.71
N ASP B 475 6.29 36.79 25.55
CA ASP B 475 6.81 36.20 26.83
C ASP B 475 6.65 34.69 26.82
N PRO B 476 7.39 33.91 26.00
CA PRO B 476 7.18 32.47 25.93
C PRO B 476 7.43 31.77 27.29
N TRP B 477 6.63 30.74 27.59
CA TRP B 477 6.59 30.07 28.92
C TRP B 477 7.62 28.94 29.03
N LEU B 478 8.63 29.10 29.88
CA LEU B 478 9.59 28.00 30.13
C LEU B 478 9.31 27.36 31.49
N GLY B 479 8.32 27.84 32.21
CA GLY B 479 8.08 27.33 33.57
C GLY B 479 8.31 28.47 34.55
N PRO B 480 8.55 28.16 35.84
CA PRO B 480 8.73 29.22 36.83
C PRO B 480 9.87 30.20 36.46
N ALA B 481 10.87 29.76 35.70
CA ALA B 481 12.03 30.60 35.35
C ALA B 481 11.52 31.88 34.66
N THR B 482 10.44 31.79 33.88
CA THR B 482 9.89 32.93 33.10
C THR B 482 8.67 33.54 33.77
N HIS B 483 7.81 32.77 34.44
CA HIS B 483 6.49 33.32 34.88
C HIS B 483 6.15 32.97 36.35
N GLY B 484 7.10 32.43 37.13
CA GLY B 484 6.86 31.98 38.53
C GLY B 484 7.48 32.91 39.58
N SER B 496 17.78 25.05 45.59
CA SER B 496 18.45 23.72 45.50
C SER B 496 17.65 22.81 44.55
N VAL B 497 18.35 21.85 43.97
CA VAL B 497 17.76 20.88 43.02
C VAL B 497 16.65 20.11 43.74
N GLU B 498 16.88 19.77 45.01
CA GLU B 498 15.97 18.93 45.81
C GLU B 498 14.65 19.67 46.07
N LEU B 499 14.67 20.95 46.43
CA LEU B 499 13.41 21.72 46.62
C LEU B 499 12.68 21.85 45.28
N ASP B 500 13.44 22.00 44.19
CA ASP B 500 12.87 22.15 42.82
C ASP B 500 12.17 20.84 42.43
N VAL B 501 12.85 19.71 42.55
CA VAL B 501 12.25 18.36 42.33
C VAL B 501 10.96 18.24 43.16
N GLU B 502 11.00 18.61 44.44
CA GLU B 502 9.84 18.45 45.36
C GLU B 502 8.68 19.35 44.94
N THR B 503 8.97 20.57 44.53
CA THR B 503 7.94 21.53 44.06
C THR B 503 7.25 20.92 42.83
N MET B 504 8.03 20.38 41.92
CA MET B 504 7.48 19.78 40.67
C MET B 504 6.64 18.55 40.99
N LYS B 505 7.08 17.72 41.94
CA LYS B 505 6.27 16.55 42.34
C LYS B 505 4.95 17.05 42.93
N LEU B 506 4.97 18.08 43.79
CA LEU B 506 3.74 18.67 44.39
C LEU B 506 2.84 19.17 43.26
N ALA B 507 3.39 19.93 42.32
CA ALA B 507 2.61 20.48 41.18
C ALA B 507 1.97 19.32 40.38
N LEU B 508 2.68 18.22 40.17
CA LEU B 508 2.12 17.05 39.43
C LEU B 508 0.98 16.41 40.22
N ARG B 509 1.13 16.34 41.54
CA ARG B 509 0.12 15.73 42.45
C ARG B 509 -1.16 16.59 42.45
N ILE B 510 -1.03 17.91 42.43
CA ILE B 510 -2.19 18.84 42.32
C ILE B 510 -2.95 18.49 41.04
N ILE B 511 -2.24 18.29 39.93
CA ILE B 511 -2.88 18.07 38.60
C ILE B 511 -3.52 16.68 38.55
N PHE B 512 -2.83 15.66 39.03
CA PHE B 512 -3.19 14.24 38.78
C PHE B 512 -3.87 13.56 39.99
N SER B 513 -3.90 14.16 41.18
CA SER B 513 -4.52 13.57 42.40
C SER B 513 -5.69 14.45 42.83
N ARG B 527 -5.36 1.40 30.74
CA ARG B 527 -4.39 2.52 30.76
C ARG B 527 -3.66 2.60 29.41
N ARG B 528 -3.16 3.80 29.09
CA ARG B 528 -2.55 4.19 27.79
C ARG B 528 -1.50 5.25 28.03
N PRO B 529 -0.44 5.32 27.20
CA PRO B 529 0.59 6.33 27.39
C PRO B 529 0.05 7.75 27.15
N TRP B 530 0.68 8.71 27.81
CA TRP B 530 0.39 10.17 27.69
C TRP B 530 -0.03 10.48 26.25
N TYR B 531 0.81 10.21 25.25
CA TYR B 531 0.61 10.70 23.85
C TYR B 531 -0.48 9.87 23.15
N ALA B 532 -1.15 8.97 23.88
CA ALA B 532 -2.28 8.14 23.40
C ALA B 532 -3.61 8.54 24.07
N ARG B 533 -3.56 9.42 25.08
CA ARG B 533 -4.72 9.79 25.93
C ARG B 533 -5.80 10.49 25.07
N ASN B 534 -5.43 11.19 23.99
CA ASN B 534 -6.34 11.95 23.06
C ASN B 534 -6.63 11.15 21.78
N LEU B 535 -6.48 9.82 21.83
CA LEU B 535 -6.61 8.98 20.61
C LEU B 535 -8.04 9.13 20.07
N LYS B 536 -8.14 9.36 18.77
CA LYS B 536 -9.41 9.34 18.01
C LYS B 536 -9.18 8.45 16.79
N LEU B 537 -9.96 7.36 16.72
CA LEU B 537 -10.19 6.57 15.48
C LEU B 537 -11.05 7.39 14.52
N ALA B 538 -10.77 7.28 13.21
CA ALA B 538 -11.69 7.66 12.12
C ALA B 538 -12.84 6.63 12.05
N ARG B 539 -13.91 6.95 11.32
CA ARG B 539 -15.09 6.06 11.14
C ARG B 539 -14.61 4.73 10.54
N ASP B 540 -13.76 4.78 9.50
CA ASP B 540 -13.14 3.61 8.81
C ASP B 540 -12.66 2.57 9.84
N GLN B 541 -11.87 2.99 10.83
CA GLN B 541 -11.23 2.09 11.85
C GLN B 541 -12.33 1.53 12.75
#